data_2DFU
#
_entry.id   2DFU
#
_cell.length_a   93.340
_cell.length_b   73.412
_cell.length_c   122.632
_cell.angle_alpha   90.00
_cell.angle_beta   111.78
_cell.angle_gamma   90.00
#
_symmetry.space_group_name_H-M   'P 1 21 1'
#
loop_
_entity.id
_entity.type
_entity.pdbx_description
1 polymer 'probable 2-hydroxyhepta-2,4-diene-1,7-dioate isomerase'
2 water water
#
_entity_poly.entity_id   1
_entity_poly.type   'polypeptide(L)'
_entity_poly.pdbx_seq_one_letter_code
;MKILRFNEGRWGVLEGELVLETDGPGGNPTGRRYDLASVTLLPPATPTKIVCVGRNYREHIREMGHDFGEDLPKEPGLFL
KGPNALARPGNPRDPWGTAEPVPYPFFTEELHYEGELAVVVGDRMRHVPPEKALDHVLGYTVAVDITARDVQKKDLQWVR
AKSADKFLPLGPWLETDLNPQDTWVRTYVNGTLRQEGHTSQMIFSVAEILSYISTFMTLEPLDVVLTGTPEGVGALRPGD
RLEVAVEGVGTLFTLIGPKEERPW
;
_entity_poly.pdbx_strand_id   A,B,C,D
#
# COMPACT_ATOMS: atom_id res chain seq x y z
N MET A 1 -17.19 13.28 -37.85
CA MET A 1 -18.01 14.46 -37.43
C MET A 1 -17.08 15.55 -36.94
N LYS A 2 -17.62 16.75 -36.76
CA LYS A 2 -16.82 17.88 -36.27
C LYS A 2 -17.01 18.06 -34.78
N ILE A 3 -15.91 18.00 -34.05
CA ILE A 3 -15.94 18.19 -32.60
C ILE A 3 -15.24 19.49 -32.26
N LEU A 4 -15.86 20.31 -31.41
CA LEU A 4 -15.25 21.58 -31.04
C LEU A 4 -15.30 21.87 -29.55
N ARG A 5 -14.49 22.85 -29.14
CA ARG A 5 -14.47 23.30 -27.74
C ARG A 5 -14.88 24.76 -27.82
N PHE A 6 -15.74 25.20 -26.91
CA PHE A 6 -16.20 26.57 -26.95
C PHE A 6 -16.54 27.13 -25.56
N ASN A 7 -16.68 28.45 -25.51
CA ASN A 7 -17.02 29.16 -24.28
C ASN A 7 -16.15 28.73 -23.09
N GLU A 8 -16.75 28.35 -21.98
CA GLU A 8 -15.92 27.96 -20.83
C GLU A 8 -15.42 26.51 -20.90
N GLY A 9 -14.63 26.21 -21.92
CA GLY A 9 -14.08 24.88 -22.06
C GLY A 9 -15.11 23.78 -22.28
N ARG A 10 -16.25 24.13 -22.86
CA ARG A 10 -17.29 23.14 -23.12
C ARG A 10 -16.97 22.41 -24.41
N TRP A 11 -17.49 21.19 -24.55
CA TRP A 11 -17.30 20.40 -25.75
C TRP A 11 -18.63 20.28 -26.48
N GLY A 12 -18.56 20.08 -27.79
CA GLY A 12 -19.78 19.95 -28.56
C GLY A 12 -19.52 19.41 -29.95
N VAL A 13 -20.60 19.12 -30.65
CA VAL A 13 -20.55 18.60 -32.02
C VAL A 13 -21.22 19.64 -32.92
N LEU A 14 -20.67 19.83 -34.10
CA LEU A 14 -21.22 20.81 -35.03
C LEU A 14 -22.17 20.19 -36.06
N GLU A 15 -23.35 20.77 -36.19
CA GLU A 15 -24.33 20.31 -37.17
C GLU A 15 -24.84 21.56 -37.89
N GLY A 16 -24.30 21.81 -39.08
CA GLY A 16 -24.69 22.98 -39.83
C GLY A 16 -24.21 24.21 -39.09
N GLU A 17 -25.15 25.03 -38.61
CA GLU A 17 -24.79 26.23 -37.88
C GLU A 17 -25.04 26.06 -36.37
N LEU A 18 -25.43 24.87 -35.95
CA LEU A 18 -25.72 24.61 -34.55
C LEU A 18 -24.64 23.81 -33.83
N VAL A 19 -24.30 24.27 -32.62
CA VAL A 19 -23.34 23.58 -31.78
C VAL A 19 -24.15 22.82 -30.74
N LEU A 20 -24.04 21.50 -30.73
CA LEU A 20 -24.77 20.69 -29.77
C LEU A 20 -23.77 20.25 -28.71
N GLU A 21 -23.96 20.74 -27.49
CA GLU A 21 -23.04 20.43 -26.41
C GLU A 21 -23.04 18.96 -26.01
N THR A 22 -21.85 18.48 -25.65
CA THR A 22 -21.67 17.10 -25.23
C THR A 22 -20.85 17.03 -23.94
N ASP A 23 -20.95 15.89 -23.28
CA ASP A 23 -20.25 15.63 -22.02
C ASP A 23 -18.88 15.09 -22.41
N GLY A 24 -17.92 15.98 -22.62
CA GLY A 24 -16.59 15.56 -23.03
C GLY A 24 -16.53 15.47 -24.55
N PRO A 25 -15.35 15.28 -25.17
CA PRO A 25 -15.17 15.18 -26.62
C PRO A 25 -15.93 14.00 -27.22
N GLY A 26 -16.89 14.28 -28.09
CA GLY A 26 -17.66 13.22 -28.72
C GLY A 26 -18.52 12.47 -27.71
N GLY A 27 -18.67 13.04 -26.52
CA GLY A 27 -19.45 12.39 -25.49
C GLY A 27 -20.96 12.55 -25.63
N ASN A 28 -21.69 12.06 -24.63
CA ASN A 28 -23.15 12.13 -24.63
C ASN A 28 -23.64 13.58 -24.69
N PRO A 29 -24.73 13.81 -25.43
CA PRO A 29 -25.28 15.17 -25.54
C PRO A 29 -25.84 15.59 -24.19
N THR A 30 -25.81 16.88 -23.88
CA THR A 30 -26.33 17.37 -22.62
C THR A 30 -27.73 17.93 -22.81
N GLY A 31 -28.09 18.20 -24.06
CA GLY A 31 -29.40 18.77 -24.32
C GLY A 31 -29.36 20.27 -24.58
N ARG A 32 -28.19 20.88 -24.41
CA ARG A 32 -28.05 22.32 -24.67
C ARG A 32 -27.54 22.49 -26.09
N ARG A 33 -27.99 23.55 -26.77
CA ARG A 33 -27.53 23.82 -28.12
C ARG A 33 -27.26 25.32 -28.23
N TYR A 34 -26.36 25.71 -29.11
CA TYR A 34 -26.02 27.12 -29.30
C TYR A 34 -25.84 27.38 -30.78
N ASP A 35 -25.97 28.63 -31.20
CA ASP A 35 -25.73 28.97 -32.60
C ASP A 35 -24.21 29.16 -32.67
N LEU A 36 -23.59 28.69 -33.73
CA LEU A 36 -22.15 28.82 -33.87
C LEU A 36 -21.69 30.26 -33.70
N ALA A 37 -22.39 31.18 -34.37
CA ALA A 37 -22.04 32.60 -34.33
C ALA A 37 -22.06 33.19 -32.93
N SER A 38 -22.75 32.55 -32.00
CA SER A 38 -22.86 33.05 -30.63
C SER A 38 -21.82 32.51 -29.64
N VAL A 39 -21.04 31.52 -30.03
CA VAL A 39 -20.05 30.98 -29.10
C VAL A 39 -18.64 31.46 -29.38
N THR A 40 -17.77 31.31 -28.38
CA THR A 40 -16.36 31.68 -28.54
C THR A 40 -15.61 30.39 -28.82
N LEU A 41 -15.15 30.22 -30.05
CA LEU A 41 -14.41 29.04 -30.44
C LEU A 41 -13.05 28.96 -29.76
N LEU A 42 -12.71 27.79 -29.25
CA LEU A 42 -11.44 27.55 -28.58
C LEU A 42 -10.65 26.49 -29.33
N PRO A 43 -9.36 26.35 -29.03
CA PRO A 43 -8.59 25.32 -29.72
C PRO A 43 -9.27 24.00 -29.32
N PRO A 44 -9.48 23.07 -30.28
CA PRO A 44 -10.13 21.78 -30.02
C PRO A 44 -9.35 20.73 -29.27
N ALA A 45 -8.62 21.14 -28.24
CA ALA A 45 -7.84 20.20 -27.43
C ALA A 45 -7.32 20.90 -26.18
N THR A 46 -6.92 20.10 -25.19
CA THR A 46 -6.34 20.58 -23.93
C THR A 46 -5.12 19.68 -23.72
N PRO A 47 -4.10 19.84 -24.56
CA PRO A 47 -2.85 19.06 -24.54
C PRO A 47 -1.92 19.21 -23.35
N THR A 48 -1.32 18.08 -22.94
CA THR A 48 -0.36 18.11 -21.85
C THR A 48 0.93 18.59 -22.51
N LYS A 49 1.00 18.42 -23.82
CA LYS A 49 2.17 18.82 -24.59
C LYS A 49 1.87 18.81 -26.10
N ILE A 50 2.67 19.52 -26.87
CA ILE A 50 2.49 19.60 -28.32
C ILE A 50 3.78 19.20 -29.00
N VAL A 51 3.74 18.07 -29.72
CA VAL A 51 4.91 17.56 -30.42
C VAL A 51 4.84 17.92 -31.91
N CYS A 52 5.91 18.50 -32.44
CA CYS A 52 5.89 18.92 -33.83
C CYS A 52 6.98 18.30 -34.70
N VAL A 53 6.63 18.06 -35.96
CA VAL A 53 7.56 17.49 -36.91
C VAL A 53 8.25 18.58 -37.71
N GLY A 54 9.49 18.33 -38.09
CA GLY A 54 10.22 19.30 -38.89
C GLY A 54 9.88 19.10 -40.36
N ARG A 55 10.91 19.00 -41.19
CA ARG A 55 10.72 18.79 -42.62
C ARG A 55 9.89 17.53 -42.83
N ASN A 56 8.83 17.62 -43.63
CA ASN A 56 8.01 16.44 -43.86
C ASN A 56 7.31 16.40 -45.22
N TYR A 57 7.57 17.38 -46.07
CA TYR A 57 6.96 17.40 -47.39
C TYR A 57 8.03 17.39 -48.49
N ARG A 58 7.73 16.69 -49.59
CA ARG A 58 8.66 16.61 -50.71
C ARG A 58 8.50 17.86 -51.57
N LEU A 72 16.95 14.49 -47.34
CA LEU A 72 15.75 14.03 -46.66
C LEU A 72 16.11 13.26 -45.39
N PRO A 73 15.50 13.61 -44.24
CA PRO A 73 15.78 12.94 -42.97
C PRO A 73 15.39 11.46 -42.95
N LYS A 74 16.09 10.69 -42.13
CA LYS A 74 15.86 9.26 -41.97
C LYS A 74 14.76 9.02 -40.93
N GLU A 75 14.73 9.89 -39.93
CA GLU A 75 13.74 9.81 -38.86
C GLU A 75 13.06 11.18 -38.77
N PRO A 76 11.83 11.21 -38.26
CA PRO A 76 11.12 12.49 -38.13
C PRO A 76 11.86 13.41 -37.15
N GLY A 77 12.15 14.64 -37.57
CA GLY A 77 12.81 15.58 -36.68
C GLY A 77 11.69 16.13 -35.82
N LEU A 78 11.91 16.26 -34.51
CA LEU A 78 10.86 16.74 -33.63
C LEU A 78 11.23 17.93 -32.75
N PHE A 79 10.21 18.68 -32.34
CA PHE A 79 10.40 19.80 -31.42
C PHE A 79 9.10 20.01 -30.66
N LEU A 80 9.20 20.64 -29.50
CA LEU A 80 8.03 20.86 -28.65
C LEU A 80 7.55 22.31 -28.60
N LYS A 81 6.28 22.46 -28.24
CA LYS A 81 5.66 23.75 -28.08
C LYS A 81 4.89 23.60 -26.77
N GLY A 82 4.89 24.64 -25.94
CA GLY A 82 4.16 24.55 -24.69
C GLY A 82 2.72 24.97 -24.96
N PRO A 83 1.78 24.61 -24.07
CA PRO A 83 0.37 24.97 -24.26
C PRO A 83 0.16 26.49 -24.35
N ASN A 84 1.12 27.26 -23.84
CA ASN A 84 1.02 28.72 -23.90
C ASN A 84 1.00 29.23 -25.34
N ALA A 85 1.48 28.42 -26.28
CA ALA A 85 1.51 28.82 -27.69
C ALA A 85 0.13 28.77 -28.34
N LEU A 86 -0.81 28.07 -27.71
CA LEU A 86 -2.15 27.96 -28.27
C LEU A 86 -2.87 29.29 -28.38
N ALA A 87 -3.52 29.52 -29.51
CA ALA A 87 -4.25 30.75 -29.76
C ALA A 87 -5.60 30.39 -30.37
N ARG A 88 -6.67 31.05 -29.91
CA ARG A 88 -8.02 30.79 -30.40
C ARG A 88 -8.16 30.97 -31.90
N PRO A 89 -8.91 30.07 -32.54
CA PRO A 89 -9.15 30.11 -33.98
C PRO A 89 -10.31 31.09 -34.25
N GLY A 90 -10.26 31.76 -35.39
CA GLY A 90 -11.34 32.65 -35.70
C GLY A 90 -12.61 31.85 -35.94
N ASN A 91 -13.73 32.34 -35.43
CA ASN A 91 -15.03 31.71 -35.61
C ASN A 91 -15.42 31.94 -37.08
N PRO A 92 -15.72 30.85 -37.83
CA PRO A 92 -16.09 30.97 -39.25
C PRO A 92 -17.26 31.92 -39.55
N ARG A 93 -18.05 32.25 -38.53
CA ARG A 93 -19.17 33.16 -38.72
C ARG A 93 -18.74 34.63 -38.65
N ASP A 94 -17.51 34.87 -38.20
CA ASP A 94 -16.91 36.20 -38.09
C ASP A 94 -15.42 36.01 -37.79
N PRO A 95 -14.67 35.49 -38.77
CA PRO A 95 -13.24 35.18 -38.76
C PRO A 95 -12.30 36.20 -38.16
N TRP A 96 -12.12 37.30 -38.88
CA TRP A 96 -11.21 38.35 -38.47
C TRP A 96 -11.58 39.09 -37.20
N GLY A 97 -12.87 39.12 -36.87
CA GLY A 97 -13.27 39.81 -35.66
C GLY A 97 -13.18 38.98 -34.38
N THR A 98 -12.99 37.67 -34.52
CA THR A 98 -12.92 36.79 -33.35
C THR A 98 -11.59 36.08 -33.13
N ALA A 99 -10.85 35.84 -34.20
CA ALA A 99 -9.57 35.15 -34.08
C ALA A 99 -8.64 35.87 -33.09
N GLU A 100 -7.98 35.10 -32.23
CA GLU A 100 -7.07 35.67 -31.27
C GLU A 100 -5.82 36.10 -32.03
N PRO A 101 -5.48 37.40 -31.97
CA PRO A 101 -4.30 37.88 -32.69
C PRO A 101 -3.00 37.31 -32.15
N VAL A 102 -2.05 37.06 -33.04
CA VAL A 102 -0.73 36.60 -32.66
C VAL A 102 0.10 37.88 -32.67
N PRO A 103 0.54 38.34 -31.50
CA PRO A 103 1.34 39.57 -31.46
C PRO A 103 2.67 39.40 -32.18
N TYR A 104 3.05 40.37 -33.00
CA TYR A 104 4.34 40.27 -33.66
C TYR A 104 5.31 40.64 -32.52
N PRO A 105 6.08 39.65 -32.03
CA PRO A 105 7.03 39.82 -30.94
C PRO A 105 8.11 40.89 -31.07
N PHE A 106 8.57 41.36 -29.93
CA PHE A 106 9.61 42.37 -29.88
C PHE A 106 10.97 41.73 -30.14
N PHE A 107 11.14 40.48 -29.70
CA PHE A 107 12.41 39.76 -29.84
C PHE A 107 12.78 39.25 -31.23
N THR A 108 11.89 39.42 -32.21
CA THR A 108 12.18 38.94 -33.55
C THR A 108 11.83 39.94 -34.63
N GLU A 109 12.38 39.73 -35.81
CA GLU A 109 12.11 40.57 -36.96
C GLU A 109 12.02 39.63 -38.16
N GLU A 110 11.81 38.34 -37.85
CA GLU A 110 11.73 37.32 -38.88
C GLU A 110 10.62 36.32 -38.56
N LEU A 111 9.39 36.80 -38.45
CA LEU A 111 8.25 35.95 -38.13
C LEU A 111 7.71 35.32 -39.42
N HIS A 112 7.60 34.00 -39.43
CA HIS A 112 7.13 33.26 -40.60
C HIS A 112 5.93 32.35 -40.30
N TYR A 113 5.12 32.10 -41.33
CA TYR A 113 3.94 31.24 -41.22
C TYR A 113 4.19 29.86 -41.84
N GLU A 114 3.54 28.86 -41.27
CA GLU A 114 3.65 27.48 -41.75
C GLU A 114 2.32 26.78 -41.47
N GLY A 115 1.48 26.60 -42.50
CA GLY A 115 0.20 25.94 -42.34
C GLY A 115 0.41 24.44 -42.20
N GLU A 116 -0.32 23.78 -41.30
CA GLU A 116 -0.11 22.33 -41.11
C GLU A 116 -1.34 21.56 -40.66
N LEU A 117 -1.34 20.26 -40.97
CA LEU A 117 -2.42 19.38 -40.54
C LEU A 117 -2.03 19.03 -39.11
N ALA A 118 -2.98 19.09 -38.19
CA ALA A 118 -2.69 18.77 -36.80
C ALA A 118 -3.49 17.55 -36.33
N VAL A 119 -2.89 16.77 -35.44
CA VAL A 119 -3.56 15.58 -34.93
C VAL A 119 -3.85 15.71 -33.45
N VAL A 120 -5.04 15.30 -33.05
CA VAL A 120 -5.40 15.34 -31.64
C VAL A 120 -5.52 13.88 -31.20
N VAL A 121 -4.66 13.49 -30.28
CA VAL A 121 -4.65 12.12 -29.77
C VAL A 121 -5.88 11.78 -28.95
N GLY A 122 -6.44 10.59 -29.19
CA GLY A 122 -7.61 10.15 -28.47
C GLY A 122 -7.30 9.19 -27.32
N ASP A 123 -6.53 8.14 -27.60
CA ASP A 123 -6.16 7.17 -26.56
C ASP A 123 -4.67 7.25 -26.30
N ARG A 124 -4.28 7.04 -25.04
CA ARG A 124 -2.86 7.08 -24.67
C ARG A 124 -2.05 6.21 -25.63
N MET A 125 -0.86 6.69 -25.99
CA MET A 125 0.01 5.97 -26.90
C MET A 125 1.42 5.76 -26.35
N ARG A 126 1.83 4.50 -26.23
CA ARG A 126 3.16 4.12 -25.76
C ARG A 126 3.57 2.85 -26.51
N HIS A 127 4.65 2.93 -27.28
CA HIS A 127 5.13 1.80 -28.07
C HIS A 127 3.98 1.26 -28.92
N VAL A 128 3.50 2.09 -29.84
CA VAL A 128 2.41 1.72 -30.74
C VAL A 128 2.97 1.53 -32.14
N PRO A 129 2.67 0.39 -32.78
CA PRO A 129 3.19 0.17 -34.13
C PRO A 129 2.43 1.02 -35.14
N PRO A 130 3.08 1.38 -36.25
CA PRO A 130 2.44 2.19 -37.28
C PRO A 130 1.02 1.74 -37.64
N GLU A 131 0.83 0.44 -37.77
CA GLU A 131 -0.47 -0.12 -38.16
C GLU A 131 -1.58 0.10 -37.15
N LYS A 132 -1.23 0.43 -35.91
CA LYS A 132 -2.25 0.68 -34.90
C LYS A 132 -2.32 2.15 -34.49
N ALA A 133 -1.46 2.96 -35.07
CA ALA A 133 -1.41 4.39 -34.74
C ALA A 133 -2.74 5.15 -34.89
N LEU A 134 -3.27 5.20 -36.10
CA LEU A 134 -4.51 5.93 -36.38
C LEU A 134 -5.71 5.58 -35.51
N ASP A 135 -5.74 4.36 -34.99
CA ASP A 135 -6.86 3.96 -34.15
C ASP A 135 -6.88 4.72 -32.82
N HIS A 136 -5.74 5.31 -32.45
CA HIS A 136 -5.65 6.05 -31.20
C HIS A 136 -5.91 7.54 -31.40
N VAL A 137 -6.23 7.94 -32.63
CA VAL A 137 -6.48 9.33 -32.95
C VAL A 137 -7.93 9.74 -32.72
N LEU A 138 -8.14 10.85 -32.02
CA LEU A 138 -9.49 11.35 -31.80
C LEU A 138 -9.93 12.03 -33.08
N GLY A 139 -9.09 12.93 -33.60
CA GLY A 139 -9.44 13.61 -34.83
C GLY A 139 -8.34 14.50 -35.39
N TYR A 140 -8.67 15.21 -36.46
CA TYR A 140 -7.73 16.08 -37.13
C TYR A 140 -8.20 17.53 -37.16
N THR A 141 -7.24 18.44 -37.04
CA THR A 141 -7.59 19.86 -37.06
C THR A 141 -6.50 20.60 -37.82
N VAL A 142 -6.57 21.91 -37.85
CA VAL A 142 -5.60 22.70 -38.59
C VAL A 142 -4.78 23.57 -37.65
N ALA A 143 -3.57 23.93 -38.07
CA ALA A 143 -2.72 24.77 -37.25
C ALA A 143 -1.83 25.66 -38.08
N VAL A 144 -1.30 26.68 -37.44
CA VAL A 144 -0.34 27.57 -38.07
C VAL A 144 0.84 27.52 -37.09
N ASP A 145 1.95 26.97 -37.54
CA ASP A 145 3.13 26.88 -36.70
C ASP A 145 3.90 28.19 -36.86
N ILE A 146 3.60 29.17 -36.00
CA ILE A 146 4.28 30.46 -36.06
C ILE A 146 5.75 30.27 -35.69
N THR A 147 6.65 30.82 -36.51
CA THR A 147 8.08 30.66 -36.30
C THR A 147 8.92 31.95 -36.36
N ALA A 148 9.75 32.16 -35.34
CA ALA A 148 10.62 33.32 -35.32
C ALA A 148 11.98 32.78 -35.80
N ARG A 149 12.21 32.91 -37.11
CA ARG A 149 13.41 32.41 -37.76
C ARG A 149 14.77 32.89 -37.28
N ASP A 150 14.89 34.17 -36.92
CA ASP A 150 16.20 34.65 -36.48
C ASP A 150 16.68 34.00 -35.18
N VAL A 151 15.86 34.07 -34.13
CA VAL A 151 16.25 33.47 -32.86
C VAL A 151 16.37 31.95 -33.01
N GLN A 152 15.67 31.40 -33.98
CA GLN A 152 15.70 29.95 -34.22
C GLN A 152 17.11 29.52 -34.60
N LYS A 153 17.87 30.42 -35.21
CA LYS A 153 19.23 30.11 -35.63
C LYS A 153 20.26 30.35 -34.53
N LYS A 154 20.01 31.34 -33.67
CA LYS A 154 20.97 31.67 -32.61
C LYS A 154 20.79 31.00 -31.25
N ASP A 155 19.56 30.89 -30.76
CA ASP A 155 19.29 30.29 -29.44
C ASP A 155 19.79 28.85 -29.30
N LEU A 156 19.81 28.36 -28.06
CA LEU A 156 20.25 27.00 -27.78
C LEU A 156 19.28 26.00 -28.41
N GLN A 157 17.99 26.25 -28.19
CA GLN A 157 16.92 25.42 -28.72
C GLN A 157 15.81 26.34 -29.23
N TRP A 158 14.87 25.78 -29.99
CA TRP A 158 13.78 26.55 -30.57
C TRP A 158 12.66 26.94 -29.59
N VAL A 159 13.01 27.26 -28.36
CA VAL A 159 11.98 27.63 -27.40
C VAL A 159 11.26 28.93 -27.75
N ARG A 160 11.95 30.06 -27.86
CA ARG A 160 11.18 31.23 -28.21
C ARG A 160 10.92 31.31 -29.72
N ALA A 161 11.62 30.48 -30.48
CA ALA A 161 11.41 30.47 -31.93
C ALA A 161 10.08 29.83 -32.28
N LYS A 162 9.69 28.81 -31.51
CA LYS A 162 8.46 28.06 -31.77
C LYS A 162 7.43 28.06 -30.63
N SER A 163 7.86 28.33 -29.41
CA SER A 163 6.96 28.25 -28.28
C SER A 163 6.60 29.55 -27.55
N ALA A 164 6.72 30.68 -28.24
CA ALA A 164 6.37 31.97 -27.63
C ALA A 164 4.84 31.98 -27.53
N ASP A 165 4.30 32.82 -26.65
CA ASP A 165 2.85 32.90 -26.50
C ASP A 165 2.14 33.11 -27.84
N LYS A 166 1.02 32.40 -28.04
CA LYS A 166 0.22 32.47 -29.25
C LYS A 166 0.91 32.00 -30.54
N PHE A 167 2.02 31.28 -30.43
CA PHE A 167 2.68 30.79 -31.63
C PHE A 167 2.02 29.55 -32.22
N LEU A 168 0.80 29.26 -31.77
CA LEU A 168 0.11 28.09 -32.31
C LEU A 168 -1.41 28.24 -32.45
N PRO A 169 -1.86 29.01 -33.45
CA PRO A 169 -3.31 29.15 -33.62
C PRO A 169 -3.77 27.71 -33.95
N LEU A 170 -4.88 27.27 -33.38
CA LEU A 170 -5.32 25.89 -33.62
C LEU A 170 -6.84 25.79 -33.70
N GLY A 171 -7.33 25.16 -34.76
CA GLY A 171 -8.77 25.01 -34.93
C GLY A 171 -9.18 24.86 -36.39
N PRO A 172 -10.43 25.18 -36.75
CA PRO A 172 -11.51 25.69 -35.90
C PRO A 172 -12.11 24.58 -35.06
N TRP A 173 -11.90 23.35 -35.51
CA TRP A 173 -12.43 22.21 -34.81
C TRP A 173 -11.74 20.97 -35.32
N LEU A 174 -12.10 19.83 -34.73
CA LEU A 174 -11.48 18.64 -35.26
C LEU A 174 -12.47 17.73 -35.95
N GLU A 175 -11.95 17.09 -36.99
CA GLU A 175 -12.75 16.14 -37.72
C GLU A 175 -12.34 14.72 -37.34
N THR A 176 -13.29 13.88 -36.95
CA THR A 176 -13.00 12.53 -36.51
C THR A 176 -12.86 11.49 -37.64
N ASP A 177 -13.47 11.79 -38.79
CA ASP A 177 -13.45 10.87 -39.92
C ASP A 177 -12.64 11.42 -41.10
N LEU A 178 -11.43 10.90 -41.29
CA LEU A 178 -10.58 11.38 -42.38
C LEU A 178 -9.44 10.43 -42.72
N ASN A 179 -8.95 10.49 -43.95
CA ASN A 179 -7.75 9.76 -44.37
C ASN A 179 -6.60 10.75 -44.48
N PRO A 180 -5.78 10.73 -43.42
CA PRO A 180 -4.76 11.75 -43.20
C PRO A 180 -3.79 11.89 -44.37
N GLN A 181 -3.61 10.80 -45.11
CA GLN A 181 -2.66 10.83 -46.22
C GLN A 181 -3.32 11.13 -47.55
N ASP A 182 -4.58 11.54 -47.52
CA ASP A 182 -5.28 11.88 -48.75
C ASP A 182 -6.06 13.18 -48.65
N THR A 183 -5.37 14.27 -48.37
CA THR A 183 -6.01 15.58 -48.26
C THR A 183 -5.03 16.68 -48.63
N TRP A 184 -5.55 17.90 -48.79
CA TRP A 184 -4.71 19.04 -49.14
C TRP A 184 -4.65 20.11 -48.06
N VAL A 185 -3.49 20.73 -47.94
CA VAL A 185 -3.26 21.80 -46.98
C VAL A 185 -2.95 23.04 -47.80
N ARG A 186 -3.77 24.07 -47.67
CA ARG A 186 -3.56 25.32 -48.41
C ARG A 186 -3.55 26.51 -47.47
N THR A 187 -2.54 27.36 -47.62
CA THR A 187 -2.40 28.56 -46.80
C THR A 187 -2.58 29.81 -47.64
N TYR A 188 -3.39 30.75 -47.16
CA TYR A 188 -3.63 31.99 -47.86
C TYR A 188 -3.27 33.16 -46.95
N VAL A 189 -2.56 34.14 -47.50
CA VAL A 189 -2.19 35.32 -46.72
C VAL A 189 -2.72 36.55 -47.46
N ASN A 190 -3.58 37.29 -46.80
CA ASN A 190 -4.19 38.48 -47.39
C ASN A 190 -4.86 38.15 -48.72
N GLY A 191 -5.58 37.03 -48.73
CA GLY A 191 -6.30 36.58 -49.91
C GLY A 191 -5.50 35.87 -51.00
N THR A 192 -4.20 35.71 -50.80
CA THR A 192 -3.37 35.06 -51.80
C THR A 192 -2.77 33.72 -51.36
N LEU A 193 -2.89 32.71 -52.24
CA LEU A 193 -2.38 31.38 -51.96
C LEU A 193 -0.86 31.42 -51.80
N ARG A 194 -0.35 30.87 -50.71
CA ARG A 194 1.09 30.88 -50.47
C ARG A 194 1.66 29.47 -50.34
N GLN A 195 0.83 28.55 -49.86
CA GLN A 195 1.25 27.16 -49.67
C GLN A 195 0.19 26.18 -50.18
N GLU A 196 0.64 25.08 -50.75
CA GLU A 196 -0.25 24.04 -51.24
C GLU A 196 0.48 22.71 -51.22
N GLY A 197 0.01 21.79 -50.40
CA GLY A 197 0.64 20.49 -50.33
C GLY A 197 -0.38 19.38 -50.20
N HIS A 198 -0.09 18.25 -50.85
CA HIS A 198 -0.97 17.09 -50.79
C HIS A 198 -0.34 16.22 -49.71
N THR A 199 -1.12 15.79 -48.72
CA THR A 199 -0.57 14.99 -47.62
C THR A 199 -0.02 13.63 -48.03
N SER A 200 -0.32 13.20 -49.25
CA SER A 200 0.18 11.91 -49.74
C SER A 200 1.67 12.04 -50.01
N GLN A 201 2.14 13.29 -50.06
CA GLN A 201 3.53 13.56 -50.33
C GLN A 201 4.36 13.67 -49.05
N MET A 202 3.78 13.29 -47.93
CA MET A 202 4.50 13.35 -46.65
C MET A 202 5.63 12.34 -46.64
N ILE A 203 6.79 12.76 -46.13
CA ILE A 203 7.93 11.88 -46.03
C ILE A 203 7.58 10.80 -45.00
N PHE A 204 6.99 11.26 -43.89
CA PHE A 204 6.57 10.36 -42.83
C PHE A 204 5.07 10.52 -42.70
N SER A 205 4.34 9.41 -42.74
CA SER A 205 2.90 9.45 -42.62
C SER A 205 2.53 9.80 -41.17
N VAL A 206 1.27 10.18 -40.96
CA VAL A 206 0.81 10.51 -39.63
C VAL A 206 0.97 9.29 -38.72
N ALA A 207 0.61 8.13 -39.23
CA ALA A 207 0.73 6.90 -38.47
C ALA A 207 2.17 6.62 -38.05
N GLU A 208 3.10 6.91 -38.94
CA GLU A 208 4.53 6.69 -38.66
C GLU A 208 5.04 7.69 -37.63
N ILE A 209 4.56 8.93 -37.73
CA ILE A 209 4.98 9.97 -36.79
C ILE A 209 4.54 9.64 -35.38
N LEU A 210 3.26 9.30 -35.21
CA LEU A 210 2.73 8.96 -33.89
C LEU A 210 3.46 7.75 -33.33
N SER A 211 3.67 6.75 -34.18
CA SER A 211 4.36 5.52 -33.79
C SER A 211 5.77 5.84 -33.31
N TYR A 212 6.50 6.62 -34.11
CA TYR A 212 7.86 7.00 -33.79
C TYR A 212 7.92 7.67 -32.43
N ILE A 213 7.10 8.71 -32.25
CA ILE A 213 7.05 9.43 -30.99
C ILE A 213 6.80 8.48 -29.81
N SER A 214 5.86 7.57 -29.98
CA SER A 214 5.50 6.64 -28.91
C SER A 214 6.58 5.67 -28.48
N THR A 215 7.66 5.56 -29.25
CA THR A 215 8.73 4.64 -28.88
C THR A 215 9.56 5.17 -27.70
N PHE A 216 9.43 6.45 -27.39
CA PHE A 216 10.20 7.02 -26.29
C PHE A 216 9.41 8.03 -25.47
N MET A 217 8.32 8.54 -26.06
CA MET A 217 7.50 9.54 -25.40
C MET A 217 6.03 9.14 -25.43
N THR A 218 5.43 8.96 -24.25
CA THR A 218 4.02 8.58 -24.19
C THR A 218 3.15 9.78 -24.54
N LEU A 219 2.25 9.58 -25.50
CA LEU A 219 1.34 10.63 -25.91
C LEU A 219 0.07 10.46 -25.11
N GLU A 220 -0.38 11.54 -24.48
CA GLU A 220 -1.58 11.51 -23.64
C GLU A 220 -2.84 11.89 -24.41
N PRO A 221 -4.01 11.51 -23.90
CA PRO A 221 -5.25 11.85 -24.59
C PRO A 221 -5.30 13.38 -24.71
N LEU A 222 -5.72 13.84 -25.89
CA LEU A 222 -5.84 15.25 -26.22
C LEU A 222 -4.51 15.99 -26.48
N ASP A 223 -3.40 15.26 -26.53
CA ASP A 223 -2.12 15.89 -26.87
C ASP A 223 -2.25 16.23 -28.35
N VAL A 224 -1.48 17.22 -28.80
CA VAL A 224 -1.53 17.63 -30.19
C VAL A 224 -0.21 17.33 -30.89
N VAL A 225 -0.29 16.86 -32.12
CA VAL A 225 0.92 16.56 -32.89
C VAL A 225 0.81 17.25 -34.23
N LEU A 226 1.83 18.03 -34.59
CA LEU A 226 1.84 18.75 -35.87
C LEU A 226 2.61 17.91 -36.89
N THR A 227 2.12 17.87 -38.12
CA THR A 227 2.74 17.04 -39.15
C THR A 227 3.61 17.69 -40.23
N GLY A 228 4.19 18.86 -39.94
CA GLY A 228 5.03 19.50 -40.94
C GLY A 228 4.29 20.44 -41.88
N THR A 229 5.03 21.23 -42.65
CA THR A 229 4.42 22.19 -43.56
C THR A 229 4.96 22.12 -44.99
N PRO A 230 4.11 22.39 -45.99
CA PRO A 230 4.50 22.36 -47.41
C PRO A 230 5.41 23.54 -47.73
N GLU A 231 5.77 23.69 -48.99
CA GLU A 231 6.62 24.81 -49.40
C GLU A 231 5.76 26.08 -49.39
N GLY A 232 6.42 27.23 -49.45
CA GLY A 232 5.68 28.48 -49.46
C GLY A 232 5.80 29.25 -48.16
N VAL A 233 6.66 28.78 -47.25
CA VAL A 233 6.87 29.45 -45.98
C VAL A 233 7.40 30.86 -46.26
N GLY A 234 6.64 31.87 -45.86
CA GLY A 234 7.04 33.25 -46.10
C GLY A 234 7.01 34.13 -44.86
N ALA A 235 7.43 35.39 -45.03
CA ALA A 235 7.48 36.33 -43.93
C ALA A 235 6.13 36.96 -43.62
N LEU A 236 5.89 37.20 -42.34
CA LEU A 236 4.64 37.80 -41.89
C LEU A 236 4.86 39.26 -41.53
N ARG A 237 3.77 40.00 -41.45
CA ARG A 237 3.81 41.40 -41.07
C ARG A 237 2.60 41.69 -40.21
N PRO A 238 2.71 42.70 -39.32
CA PRO A 238 1.57 43.05 -38.46
C PRO A 238 0.35 43.28 -39.35
N GLY A 239 -0.80 42.78 -38.92
CA GLY A 239 -2.00 42.98 -39.70
C GLY A 239 -2.29 41.91 -40.74
N ASP A 240 -1.35 41.02 -41.00
CA ASP A 240 -1.60 39.95 -41.97
C ASP A 240 -2.76 39.07 -41.56
N ARG A 241 -3.62 38.75 -42.52
CA ARG A 241 -4.77 37.89 -42.28
C ARG A 241 -4.47 36.53 -42.91
N LEU A 242 -4.54 35.47 -42.11
CA LEU A 242 -4.14 34.13 -42.48
C LEU A 242 -5.32 33.14 -42.49
N GLU A 243 -5.30 32.32 -43.52
CA GLU A 243 -6.31 31.30 -43.68
C GLU A 243 -5.65 29.98 -44.08
N VAL A 244 -5.82 28.95 -43.24
CA VAL A 244 -5.32 27.65 -43.66
C VAL A 244 -6.46 26.66 -43.88
N ALA A 245 -6.68 26.23 -45.12
CA ALA A 245 -7.78 25.34 -45.42
C ALA A 245 -7.28 23.92 -45.64
N VAL A 246 -7.90 22.97 -44.94
CA VAL A 246 -7.56 21.57 -45.06
C VAL A 246 -8.83 20.86 -45.49
N GLU A 247 -8.79 20.23 -46.65
CA GLU A 247 -9.95 19.53 -47.18
C GLU A 247 -10.47 18.48 -46.23
N GLY A 248 -11.77 18.46 -46.03
CA GLY A 248 -12.40 17.50 -45.16
C GLY A 248 -12.29 17.83 -43.68
N VAL A 249 -11.50 18.85 -43.35
CA VAL A 249 -11.37 19.23 -41.95
C VAL A 249 -12.03 20.57 -41.68
N GLY A 250 -11.47 21.63 -42.27
CA GLY A 250 -12.04 22.94 -42.06
C GLY A 250 -11.04 24.03 -42.38
N THR A 251 -11.39 25.26 -42.06
CA THR A 251 -10.50 26.36 -42.33
C THR A 251 -10.13 27.10 -41.06
N LEU A 252 -8.84 27.25 -40.82
CA LEU A 252 -8.35 27.95 -39.65
C LEU A 252 -8.12 29.42 -40.03
N PHE A 253 -8.75 30.32 -39.27
CA PHE A 253 -8.59 31.75 -39.50
C PHE A 253 -7.80 32.36 -38.35
N THR A 254 -6.76 33.12 -38.68
CA THR A 254 -5.97 33.77 -37.65
C THR A 254 -5.37 35.04 -38.23
N LEU A 255 -4.74 35.84 -37.39
CA LEU A 255 -4.15 37.08 -37.86
C LEU A 255 -3.01 37.58 -36.97
N ILE A 256 -2.15 38.39 -37.55
CA ILE A 256 -1.02 38.93 -36.83
C ILE A 256 -1.36 40.30 -36.26
N GLY A 257 -1.07 40.47 -34.97
CA GLY A 257 -1.35 41.74 -34.32
C GLY A 257 -0.20 42.72 -34.51
N PRO A 258 -0.29 43.92 -33.91
CA PRO A 258 0.72 44.97 -33.98
C PRO A 258 2.05 44.51 -33.37
N LYS A 259 3.16 45.09 -33.83
CA LYS A 259 4.44 44.68 -33.27
C LYS A 259 4.53 45.18 -31.84
N GLU A 260 5.00 44.32 -30.95
CA GLU A 260 5.13 44.68 -29.54
C GLU A 260 6.43 45.45 -29.32
N GLU A 261 6.51 46.20 -28.23
CA GLU A 261 7.71 46.96 -27.92
C GLU A 261 8.35 46.36 -26.68
N ARG A 262 9.43 46.97 -26.19
CA ARG A 262 10.13 46.52 -24.98
C ARG A 262 9.18 45.97 -23.88
N PRO A 263 9.53 44.74 -23.43
CA PRO A 263 8.74 43.95 -22.48
C PRO A 263 8.26 44.75 -21.26
N TRP A 264 9.13 45.65 -20.84
CA TRP A 264 8.77 46.54 -19.75
C TRP A 264 9.75 47.70 -19.70
N MET B 1 8.40 25.86 4.76
CA MET B 1 7.28 24.88 4.87
C MET B 1 7.38 23.88 3.71
N LYS B 2 7.29 22.60 4.01
CA LYS B 2 7.38 21.57 2.98
C LYS B 2 6.00 21.20 2.44
N ILE B 3 5.80 21.34 1.13
CA ILE B 3 4.54 21.01 0.49
C ILE B 3 4.71 19.80 -0.42
N LEU B 4 3.83 18.83 -0.31
CA LEU B 4 3.94 17.64 -1.14
C LEU B 4 2.64 17.20 -1.82
N ARG B 5 2.78 16.37 -2.85
CA ARG B 5 1.65 15.80 -3.58
C ARG B 5 1.81 14.32 -3.34
N PHE B 6 0.71 13.65 -3.07
CA PHE B 6 0.78 12.22 -2.78
C PHE B 6 -0.49 11.48 -3.17
N ASN B 7 -0.40 10.15 -3.17
CA ASN B 7 -1.52 9.29 -3.51
C ASN B 7 -2.23 9.74 -4.78
N GLU B 8 -3.55 9.91 -4.74
CA GLU B 8 -4.27 10.31 -5.94
C GLU B 8 -4.28 11.83 -6.16
N GLY B 9 -3.09 12.40 -6.29
CA GLY B 9 -2.97 13.84 -6.52
C GLY B 9 -3.35 14.73 -5.35
N ARG B 10 -3.31 14.19 -4.13
CA ARG B 10 -3.65 14.99 -2.94
C ARG B 10 -2.50 15.95 -2.63
N TRP B 11 -2.79 17.00 -1.88
CA TRP B 11 -1.78 17.97 -1.46
C TRP B 11 -1.69 17.95 0.06
N GLY B 12 -0.51 18.28 0.58
CA GLY B 12 -0.34 18.30 2.02
C GLY B 12 0.89 19.04 2.48
N VAL B 13 0.99 19.26 3.78
CA VAL B 13 2.13 19.93 4.36
C VAL B 13 2.79 18.94 5.32
N LEU B 14 4.10 18.78 5.21
CA LEU B 14 4.84 17.86 6.07
C LEU B 14 5.10 18.47 7.43
N GLU B 15 4.64 17.79 8.47
CA GLU B 15 4.81 18.24 9.85
C GLU B 15 5.56 17.13 10.55
N GLY B 16 6.88 17.12 10.41
CA GLY B 16 7.67 16.06 11.01
C GLY B 16 7.49 14.80 10.18
N GLU B 17 6.81 13.81 10.75
CA GLU B 17 6.54 12.55 10.08
C GLU B 17 5.08 12.51 9.65
N LEU B 18 4.33 13.54 10.03
CA LEU B 18 2.92 13.60 9.70
C LEU B 18 2.63 14.45 8.46
N VAL B 19 1.81 13.90 7.57
CA VAL B 19 1.40 14.61 6.37
C VAL B 19 0.00 15.16 6.63
N LEU B 20 -0.10 16.47 6.76
CA LEU B 20 -1.39 17.12 7.01
C LEU B 20 -1.98 17.47 5.65
N GLU B 21 -3.04 16.79 5.25
CA GLU B 21 -3.65 17.05 3.95
C GLU B 21 -4.27 18.43 3.86
N THR B 22 -4.10 19.07 2.71
CA THR B 22 -4.64 20.40 2.49
C THR B 22 -5.50 20.46 1.23
N ASP B 23 -6.35 21.48 1.14
CA ASP B 23 -7.19 21.65 -0.03
C ASP B 23 -6.38 22.54 -0.99
N GLY B 24 -5.59 21.91 -1.85
CA GLY B 24 -4.76 22.64 -2.78
C GLY B 24 -3.40 22.90 -2.17
N PRO B 25 -2.36 23.18 -2.98
CA PRO B 25 -1.01 23.43 -2.45
C PRO B 25 -0.96 24.52 -1.37
N GLY B 26 -0.53 24.13 -0.16
CA GLY B 26 -0.44 25.06 0.94
C GLY B 26 -1.77 25.65 1.38
N GLY B 27 -2.87 24.95 1.09
CA GLY B 27 -4.19 25.46 1.47
C GLY B 27 -4.69 25.03 2.85
N ASN B 28 -5.97 25.30 3.11
CA ASN B 28 -6.59 24.94 4.39
C ASN B 28 -6.55 23.43 4.61
N PRO B 29 -6.35 23.00 5.86
CA PRO B 29 -6.31 21.57 6.18
C PRO B 29 -7.69 20.94 5.98
N THR B 30 -7.73 19.73 5.44
CA THR B 30 -9.01 19.06 5.22
C THR B 30 -9.44 18.32 6.49
N GLY B 31 -8.46 17.97 7.31
CA GLY B 31 -8.77 17.24 8.53
C GLY B 31 -8.12 15.88 8.51
N ARG B 32 -7.71 15.42 7.32
CA ARG B 32 -7.07 14.12 7.20
C ARG B 32 -5.56 14.28 7.41
N ARG B 33 -4.95 13.21 7.89
CA ARG B 33 -3.52 13.19 8.13
C ARG B 33 -3.00 11.79 7.82
N TYR B 34 -1.76 11.70 7.36
CA TYR B 34 -1.19 10.40 7.03
C TYR B 34 0.25 10.35 7.49
N ASP B 35 0.71 9.15 7.80
CA ASP B 35 2.09 8.95 8.18
C ASP B 35 2.86 9.03 6.86
N LEU B 36 3.99 9.73 6.84
CA LEU B 36 4.77 9.88 5.60
C LEU B 36 5.08 8.57 4.88
N ALA B 37 5.49 7.55 5.63
CA ALA B 37 5.83 6.27 5.01
C ALA B 37 4.63 5.61 4.36
N SER B 38 3.44 5.89 4.86
CA SER B 38 2.23 5.27 4.33
C SER B 38 1.67 5.86 3.04
N VAL B 39 2.26 6.94 2.55
CA VAL B 39 1.76 7.54 1.32
C VAL B 39 2.72 7.36 0.16
N THR B 40 2.19 7.49 -1.05
CA THR B 40 2.99 7.37 -2.26
C THR B 40 3.28 8.79 -2.70
N LEU B 41 4.53 9.19 -2.55
CA LEU B 41 4.98 10.53 -2.91
C LEU B 41 4.94 10.76 -4.43
N LEU B 42 4.58 11.97 -4.83
CA LEU B 42 4.50 12.33 -6.25
C LEU B 42 5.30 13.60 -6.53
N PRO B 43 5.53 13.91 -7.82
CA PRO B 43 6.29 15.14 -8.10
C PRO B 43 5.39 16.23 -7.52
N PRO B 44 5.98 17.20 -6.80
CA PRO B 44 5.20 18.28 -6.19
C PRO B 44 4.73 19.39 -7.12
N ALA B 45 4.14 19.01 -8.26
CA ALA B 45 3.63 19.98 -9.22
C ALA B 45 2.86 19.27 -10.32
N THR B 46 1.99 20.02 -11.00
CA THR B 46 1.19 19.52 -12.13
C THR B 46 1.36 20.59 -13.20
N PRO B 47 2.56 20.66 -13.79
CA PRO B 47 2.96 21.62 -14.83
C PRO B 47 2.30 21.50 -16.18
N THR B 48 2.04 22.65 -16.80
CA THR B 48 1.47 22.69 -18.13
C THR B 48 2.70 22.51 -19.02
N LYS B 49 3.85 22.92 -18.51
CA LYS B 49 5.12 22.79 -19.22
C LYS B 49 6.31 22.85 -18.27
N ILE B 50 7.44 22.32 -18.72
CA ILE B 50 8.67 22.32 -17.93
C ILE B 50 9.76 23.01 -18.75
N VAL B 51 10.23 24.14 -18.24
CA VAL B 51 11.26 24.93 -18.92
C VAL B 51 12.60 24.75 -18.20
N CYS B 52 13.63 24.38 -18.96
CA CYS B 52 14.94 24.13 -18.38
C CYS B 52 16.06 24.98 -18.96
N VAL B 53 17.00 25.37 -18.09
CA VAL B 53 18.14 26.19 -18.48
C VAL B 53 19.33 25.33 -18.83
N GLY B 54 20.10 25.77 -19.83
CA GLY B 54 21.27 25.02 -20.24
C GLY B 54 22.44 25.29 -19.30
N ARG B 55 23.53 25.82 -19.86
CA ARG B 55 24.71 26.11 -19.05
C ARG B 55 24.41 27.27 -18.10
N ASN B 56 24.55 27.03 -16.80
CA ASN B 56 24.28 28.10 -15.84
C ASN B 56 25.32 28.18 -14.72
N TYR B 57 26.41 27.44 -14.87
CA TYR B 57 27.48 27.44 -13.87
C TYR B 57 28.85 27.66 -14.51
N PRO B 73 27.53 33.20 -22.36
CA PRO B 73 26.08 33.29 -22.58
C PRO B 73 25.48 34.62 -22.16
N LYS B 74 24.94 35.35 -23.14
CA LYS B 74 24.33 36.65 -22.90
C LYS B 74 22.94 36.46 -22.28
N GLU B 75 22.29 35.37 -22.67
CA GLU B 75 20.96 35.04 -22.18
C GLU B 75 20.91 33.56 -21.82
N PRO B 76 19.99 33.17 -20.94
CA PRO B 76 19.86 31.76 -20.54
C PRO B 76 19.50 30.88 -21.72
N GLY B 77 20.16 29.73 -21.84
CA GLY B 77 19.84 28.81 -22.91
C GLY B 77 18.66 28.00 -22.39
N LEU B 78 17.63 27.81 -23.19
CA LEU B 78 16.45 27.08 -22.73
C LEU B 78 16.05 25.89 -23.57
N PHE B 79 15.45 24.89 -22.92
CA PHE B 79 14.95 23.71 -23.61
C PHE B 79 13.73 23.22 -22.85
N LEU B 80 12.85 22.49 -23.53
CA LEU B 80 11.62 22.01 -22.91
C LEU B 80 11.56 20.51 -22.65
N LYS B 81 10.80 20.15 -21.62
CA LYS B 81 10.56 18.76 -21.27
C LYS B 81 9.05 18.66 -21.17
N GLY B 82 8.48 17.58 -21.70
CA GLY B 82 7.05 17.40 -21.61
C GLY B 82 6.74 16.79 -20.24
N PRO B 83 5.50 16.90 -19.75
CA PRO B 83 5.20 16.32 -18.44
C PRO B 83 5.38 14.80 -18.37
N ASN B 84 5.50 14.15 -19.53
CA ASN B 84 5.70 12.71 -19.56
C ASN B 84 7.07 12.36 -18.96
N ALA B 85 7.95 13.36 -18.86
CA ALA B 85 9.27 13.12 -18.31
C ALA B 85 9.26 12.95 -16.78
N LEU B 86 8.22 13.46 -16.13
CA LEU B 86 8.12 13.39 -14.68
C LEU B 86 8.16 11.96 -14.15
N ALA B 87 8.91 11.77 -13.07
CA ALA B 87 9.04 10.46 -12.43
C ALA B 87 8.93 10.64 -10.93
N ARG B 88 8.17 9.76 -10.28
CA ARG B 88 7.98 9.84 -8.84
C ARG B 88 9.27 9.73 -8.02
N PRO B 89 9.41 10.58 -6.98
CA PRO B 89 10.59 10.59 -6.11
C PRO B 89 10.47 9.46 -5.10
N GLY B 90 11.61 8.97 -4.61
CA GLY B 90 11.56 7.91 -3.64
C GLY B 90 11.12 8.44 -2.29
N ASN B 91 10.24 7.72 -1.62
CA ASN B 91 9.79 8.13 -0.30
C ASN B 91 11.01 8.01 0.62
N PRO B 92 11.36 9.10 1.33
CA PRO B 92 12.52 9.08 2.24
C PRO B 92 12.52 7.94 3.26
N ARG B 93 11.33 7.46 3.64
CA ARG B 93 11.22 6.37 4.61
C ARG B 93 11.55 5.00 4.00
N ASP B 94 11.60 4.94 2.67
CA ASP B 94 11.91 3.70 1.94
C ASP B 94 12.23 4.09 0.49
N PRO B 95 13.36 4.78 0.30
CA PRO B 95 13.90 5.29 -0.97
C PRO B 95 13.87 4.38 -2.17
N TRP B 96 14.73 3.36 -2.14
CA TRP B 96 14.88 2.42 -3.24
C TRP B 96 13.69 1.52 -3.51
N GLY B 97 12.81 1.39 -2.53
CA GLY B 97 11.65 0.54 -2.72
C GLY B 97 10.47 1.28 -3.33
N THR B 98 10.54 2.61 -3.38
CA THR B 98 9.42 3.39 -3.90
C THR B 98 9.71 4.29 -5.09
N ALA B 99 10.96 4.73 -5.23
CA ALA B 99 11.30 5.61 -6.34
C ALA B 99 10.94 4.97 -7.68
N GLU B 100 10.33 5.75 -8.57
CA GLU B 100 9.97 5.24 -9.89
C GLU B 100 11.23 5.17 -10.73
N PRO B 101 11.58 3.97 -11.21
CA PRO B 101 12.77 3.75 -12.02
C PRO B 101 12.76 4.47 -13.36
N VAL B 102 13.92 4.94 -13.78
CA VAL B 102 14.08 5.60 -15.06
C VAL B 102 14.65 4.52 -15.97
N PRO B 103 13.83 3.96 -16.86
CA PRO B 103 14.32 2.92 -17.76
C PRO B 103 15.52 3.41 -18.56
N TYR B 104 16.52 2.56 -18.76
CA TYR B 104 17.67 2.96 -19.56
C TYR B 104 17.19 2.72 -20.99
N PRO B 105 16.92 3.81 -21.73
CA PRO B 105 16.44 3.78 -23.11
C PRO B 105 17.19 2.87 -24.06
N PHE B 106 16.45 2.28 -24.98
CA PHE B 106 17.00 1.37 -25.98
C PHE B 106 17.66 2.18 -27.10
N PHE B 107 17.26 3.44 -27.22
CA PHE B 107 17.78 4.31 -28.27
C PHE B 107 19.07 5.06 -27.95
N THR B 108 19.58 4.89 -26.74
CA THR B 108 20.80 5.58 -26.35
C THR B 108 21.80 4.66 -25.66
N GLU B 109 23.02 5.16 -25.51
CA GLU B 109 24.10 4.44 -24.86
C GLU B 109 24.99 5.43 -24.12
N GLU B 110 24.55 6.68 -24.10
CA GLU B 110 25.25 7.78 -23.44
C GLU B 110 24.24 8.47 -22.51
N LEU B 111 23.82 7.78 -21.46
CA LEU B 111 22.86 8.34 -20.52
C LEU B 111 23.55 9.10 -19.39
N HIS B 112 23.29 10.40 -19.29
CA HIS B 112 23.88 11.25 -18.27
C HIS B 112 22.87 11.72 -17.23
N TYR B 113 23.38 12.14 -16.08
CA TYR B 113 22.56 12.63 -14.99
C TYR B 113 23.03 14.06 -14.69
N GLU B 114 22.13 14.85 -14.13
CA GLU B 114 22.44 16.24 -13.78
C GLU B 114 21.53 16.64 -12.63
N GLY B 115 22.09 16.75 -11.44
CA GLY B 115 21.31 17.15 -10.28
C GLY B 115 21.05 18.64 -10.36
N GLU B 116 19.83 19.07 -10.08
CA GLU B 116 19.52 20.48 -10.17
C GLU B 116 18.51 20.99 -9.16
N LEU B 117 18.53 22.30 -8.96
CA LEU B 117 17.57 22.95 -8.09
C LEU B 117 16.40 23.24 -9.03
N ALA B 118 15.19 22.93 -8.61
CA ALA B 118 14.03 23.16 -9.45
C ALA B 118 13.07 24.17 -8.82
N VAL B 119 12.38 24.91 -9.67
CA VAL B 119 11.43 25.92 -9.21
C VAL B 119 9.99 25.61 -9.60
N VAL B 120 9.07 25.76 -8.65
CA VAL B 120 7.67 25.53 -8.92
C VAL B 120 6.98 26.88 -8.86
N VAL B 121 6.48 27.34 -10.00
CA VAL B 121 5.80 28.63 -10.08
C VAL B 121 4.51 28.65 -9.29
N GLY B 122 4.22 29.78 -8.64
CA GLY B 122 3.00 29.90 -7.86
C GLY B 122 1.95 30.78 -8.49
N ASP B 123 2.37 31.91 -9.06
CA ASP B 123 1.46 32.85 -9.71
C ASP B 123 1.85 33.04 -11.18
N ARG B 124 0.84 33.21 -12.04
CA ARG B 124 1.07 33.40 -13.47
C ARG B 124 2.13 34.47 -13.71
N MET B 125 3.06 34.20 -14.61
CA MET B 125 4.13 35.16 -14.90
C MET B 125 4.23 35.54 -16.37
N ARG B 126 4.02 36.82 -16.65
CA ARG B 126 4.13 37.35 -18.01
C ARG B 126 4.72 38.75 -17.88
N HIS B 127 5.86 38.96 -18.52
CA HIS B 127 6.55 40.25 -18.46
C HIS B 127 6.77 40.67 -17.01
N VAL B 128 7.47 39.84 -16.26
CA VAL B 128 7.75 40.12 -14.85
C VAL B 128 9.21 40.50 -14.68
N PRO B 129 9.48 41.69 -14.14
CA PRO B 129 10.87 42.12 -13.94
C PRO B 129 11.56 41.26 -12.88
N PRO B 130 12.89 41.11 -12.98
CA PRO B 130 13.68 40.31 -12.04
C PRO B 130 13.36 40.57 -10.57
N GLU B 131 13.26 41.84 -10.20
CA GLU B 131 12.99 42.22 -8.82
C GLU B 131 11.64 41.75 -8.27
N LYS B 132 10.74 41.34 -9.17
CA LYS B 132 9.43 40.87 -8.73
C LYS B 132 9.23 39.40 -9.00
N ALA B 133 10.23 38.76 -9.60
CA ALA B 133 10.14 37.35 -9.97
C ALA B 133 9.95 36.35 -8.84
N LEU B 134 10.75 36.43 -7.78
CA LEU B 134 10.62 35.48 -6.69
C LEU B 134 9.29 35.54 -5.96
N ASP B 135 8.57 36.66 -6.10
CA ASP B 135 7.27 36.79 -5.44
C ASP B 135 6.23 35.87 -6.09
N HIS B 136 6.51 35.42 -7.30
CA HIS B 136 5.59 34.53 -8.01
C HIS B 136 5.94 33.06 -7.80
N VAL B 137 6.94 32.79 -6.98
CA VAL B 137 7.36 31.41 -6.74
C VAL B 137 6.63 30.72 -5.58
N LEU B 138 6.14 29.52 -5.83
CA LEU B 138 5.47 28.76 -4.78
C LEU B 138 6.54 28.15 -3.89
N GLY B 139 7.51 27.47 -4.51
CA GLY B 139 8.56 26.84 -3.75
C GLY B 139 9.65 26.22 -4.60
N TYR B 140 10.63 25.61 -3.94
CA TYR B 140 11.74 24.98 -4.63
C TYR B 140 11.78 23.49 -4.33
N THR B 141 12.21 22.70 -5.31
CA THR B 141 12.28 21.26 -5.13
C THR B 141 13.54 20.77 -5.83
N VAL B 142 13.75 19.46 -5.86
CA VAL B 142 14.94 18.91 -6.48
C VAL B 142 14.59 18.09 -7.71
N ALA B 143 15.50 18.08 -8.68
CA ALA B 143 15.29 17.33 -9.91
C ALA B 143 16.55 16.70 -10.44
N VAL B 144 16.37 15.69 -11.28
CA VAL B 144 17.49 15.04 -11.94
C VAL B 144 17.17 15.14 -13.43
N ASP B 145 17.89 16.01 -14.12
CA ASP B 145 17.69 16.18 -15.56
C ASP B 145 18.39 15.04 -16.30
N ILE B 146 17.65 13.99 -16.61
CA ILE B 146 18.21 12.84 -17.32
C ILE B 146 18.47 13.24 -18.76
N THR B 147 19.64 12.84 -19.27
CA THR B 147 20.02 13.20 -20.63
C THR B 147 20.62 12.06 -21.45
N ALA B 148 20.23 12.00 -22.71
CA ALA B 148 20.76 11.00 -23.65
C ALA B 148 21.64 11.83 -24.58
N ARG B 149 22.92 11.93 -24.22
CA ARG B 149 23.90 12.71 -24.96
C ARG B 149 24.17 12.32 -26.41
N ASP B 150 24.08 11.04 -26.73
CA ASP B 150 24.36 10.62 -28.10
C ASP B 150 23.30 11.13 -29.09
N VAL B 151 22.04 11.08 -28.70
CA VAL B 151 21.00 11.56 -29.61
C VAL B 151 20.89 13.09 -29.54
N GLN B 152 21.33 13.66 -28.44
CA GLN B 152 21.28 15.12 -28.27
C GLN B 152 22.14 15.83 -29.29
N LYS B 153 23.10 15.11 -29.86
CA LYS B 153 24.00 15.69 -30.85
C LYS B 153 23.53 15.51 -32.29
N LYS B 154 22.73 14.48 -32.55
CA LYS B 154 22.28 14.24 -33.91
C LYS B 154 20.81 14.55 -34.23
N ASP B 155 19.97 14.69 -33.20
CA ASP B 155 18.55 14.98 -33.42
C ASP B 155 18.31 16.46 -33.79
N LEU B 156 17.17 16.72 -34.41
CA LEU B 156 16.81 18.10 -34.80
C LEU B 156 16.82 18.96 -33.54
N GLN B 157 16.14 18.48 -32.50
CA GLN B 157 16.06 19.17 -31.23
C GLN B 157 16.18 18.12 -30.11
N TRP B 158 16.38 18.59 -28.89
CA TRP B 158 16.56 17.70 -27.74
C TRP B 158 15.33 17.00 -27.19
N VAL B 159 14.36 16.71 -28.04
CA VAL B 159 13.13 16.06 -27.60
C VAL B 159 13.39 14.67 -27.01
N ARG B 160 14.00 13.80 -27.81
CA ARG B 160 14.30 12.45 -27.35
C ARG B 160 15.45 12.49 -26.34
N ALA B 161 16.33 13.47 -26.48
CA ALA B 161 17.47 13.60 -25.58
C ALA B 161 17.12 14.05 -24.17
N LYS B 162 16.10 14.89 -24.02
CA LYS B 162 15.73 15.42 -22.71
C LYS B 162 14.30 15.16 -22.26
N SER B 163 13.41 14.80 -23.20
CA SER B 163 12.01 14.60 -22.84
C SER B 163 11.42 13.20 -23.00
N ALA B 164 12.27 12.18 -23.01
CA ALA B 164 11.76 10.81 -23.10
C ALA B 164 11.06 10.53 -21.77
N ASP B 165 10.24 9.49 -21.73
CA ASP B 165 9.54 9.15 -20.51
C ASP B 165 10.45 8.99 -19.29
N LYS B 166 10.00 9.54 -18.16
CA LYS B 166 10.73 9.46 -16.89
C LYS B 166 12.07 10.19 -16.82
N PHE B 167 12.40 10.98 -17.83
CA PHE B 167 13.68 11.70 -17.82
C PHE B 167 13.70 12.87 -16.84
N LEU B 168 12.73 12.92 -15.94
CA LEU B 168 12.73 13.99 -14.95
C LEU B 168 12.21 13.62 -13.57
N PRO B 169 13.03 12.89 -12.79
CA PRO B 169 12.61 12.53 -11.43
C PRO B 169 12.50 13.88 -10.72
N LEU B 170 11.42 14.10 -9.95
CA LEU B 170 11.24 15.38 -9.27
C LEU B 170 10.62 15.21 -7.89
N GLY B 171 11.18 15.90 -6.91
CA GLY B 171 10.69 15.81 -5.55
C GLY B 171 11.80 16.03 -4.52
N PRO B 172 11.65 15.55 -3.27
CA PRO B 172 10.51 14.81 -2.73
C PRO B 172 9.32 15.70 -2.42
N TRP B 173 9.58 16.98 -2.25
CA TRP B 173 8.56 17.96 -1.95
C TRP B 173 9.14 19.32 -2.26
N LEU B 174 8.38 20.37 -2.04
CA LEU B 174 8.92 21.69 -2.30
C LEU B 174 9.00 22.47 -1.00
N GLU B 175 9.95 23.38 -0.94
CA GLU B 175 10.15 24.23 0.23
C GLU B 175 9.71 25.62 -0.19
N THR B 176 8.83 26.25 0.59
CA THR B 176 8.34 27.57 0.24
C THR B 176 9.23 28.72 0.68
N ASP B 177 10.06 28.48 1.69
CA ASP B 177 10.94 29.53 2.22
C ASP B 177 12.41 29.15 2.02
N LEU B 178 13.07 29.85 1.11
CA LEU B 178 14.47 29.56 0.83
C LEU B 178 15.11 30.70 0.05
N ASN B 179 16.44 30.76 0.07
CA ASN B 179 17.15 31.78 -0.70
C ASN B 179 17.78 30.94 -1.81
N PRO B 180 17.17 30.96 -2.99
CA PRO B 180 17.68 30.17 -4.12
C PRO B 180 19.15 30.37 -4.46
N GLN B 181 19.66 31.59 -4.26
CA GLN B 181 21.05 31.86 -4.60
C GLN B 181 22.05 31.54 -3.47
N ASP B 182 21.56 30.92 -2.41
CA ASP B 182 22.44 30.57 -1.29
C ASP B 182 22.15 29.19 -0.71
N THR B 183 22.35 28.16 -1.52
CA THR B 183 22.13 26.79 -1.09
C THR B 183 23.08 25.87 -1.85
N TRP B 184 23.24 24.65 -1.34
CA TRP B 184 24.14 23.69 -1.97
C TRP B 184 23.40 22.53 -2.62
N VAL B 185 23.92 22.08 -3.75
CA VAL B 185 23.35 20.97 -4.50
C VAL B 185 24.38 19.85 -4.60
N ARG B 186 24.10 18.72 -3.95
CA ARG B 186 25.02 17.60 -3.97
C ARG B 186 24.38 16.35 -4.57
N THR B 187 25.04 15.78 -5.57
CA THR B 187 24.55 14.58 -6.21
C THR B 187 25.45 13.39 -5.85
N TYR B 188 24.83 12.32 -5.37
CA TYR B 188 25.58 11.11 -5.00
C TYR B 188 25.13 9.97 -5.90
N VAL B 189 26.10 9.25 -6.48
CA VAL B 189 25.79 8.11 -7.33
C VAL B 189 26.31 6.85 -6.67
N ASN B 190 25.41 6.03 -6.15
CA ASN B 190 25.79 4.81 -5.46
C ASN B 190 26.61 5.14 -4.23
N GLY B 191 26.17 6.16 -3.49
CA GLY B 191 26.85 6.57 -2.28
C GLY B 191 28.04 7.48 -2.48
N THR B 192 28.54 7.54 -3.71
CA THR B 192 29.71 8.36 -4.02
C THR B 192 29.33 9.76 -4.49
N LEU B 193 29.94 10.78 -3.88
CA LEU B 193 29.68 12.17 -4.27
C LEU B 193 30.27 12.41 -5.66
N ARG B 194 29.42 12.83 -6.59
CA ARG B 194 29.86 13.09 -7.96
C ARG B 194 29.66 14.53 -8.38
N GLN B 195 28.71 15.22 -7.76
CA GLN B 195 28.45 16.62 -8.07
C GLN B 195 28.30 17.43 -6.79
N GLU B 196 28.68 18.69 -6.86
CA GLU B 196 28.58 19.57 -5.72
C GLU B 196 28.69 20.99 -6.27
N GLY B 197 27.77 21.86 -5.86
CA GLY B 197 27.80 23.22 -6.35
C GLY B 197 26.99 24.16 -5.49
N HIS B 198 27.43 25.41 -5.42
CA HIS B 198 26.75 26.44 -4.65
C HIS B 198 25.97 27.28 -5.64
N THR B 199 24.68 27.47 -5.39
CA THR B 199 23.84 28.24 -6.29
C THR B 199 24.24 29.71 -6.39
N SER B 200 25.16 30.15 -5.54
CA SER B 200 25.62 31.53 -5.60
C SER B 200 26.48 31.69 -6.84
N GLN B 201 26.86 30.56 -7.44
CA GLN B 201 27.69 30.55 -8.64
C GLN B 201 26.89 30.52 -9.93
N MET B 202 25.57 30.71 -9.82
CA MET B 202 24.72 30.71 -11.00
C MET B 202 25.03 31.90 -11.90
N ILE B 203 25.19 31.64 -13.19
CA ILE B 203 25.44 32.70 -14.16
C ILE B 203 24.21 33.58 -14.18
N PHE B 204 23.05 32.95 -14.19
CA PHE B 204 21.76 33.66 -14.18
C PHE B 204 21.02 33.21 -12.93
N SER B 205 20.58 34.17 -12.13
CA SER B 205 19.85 33.83 -10.91
C SER B 205 18.45 33.33 -11.24
N VAL B 206 17.81 32.67 -10.28
CA VAL B 206 16.46 32.15 -10.48
C VAL B 206 15.57 33.29 -10.95
N ALA B 207 15.66 34.42 -10.25
CA ALA B 207 14.86 35.60 -10.58
C ALA B 207 15.07 36.07 -12.01
N GLU B 208 16.32 36.08 -12.45
CA GLU B 208 16.62 36.53 -13.80
C GLU B 208 16.09 35.53 -14.83
N ILE B 209 16.19 34.25 -14.50
CA ILE B 209 15.70 33.18 -15.37
C ILE B 209 14.20 33.29 -15.57
N LEU B 210 13.45 33.35 -14.48
CA LEU B 210 12.00 33.45 -14.56
C LEU B 210 11.58 34.70 -15.31
N SER B 211 12.28 35.79 -15.04
CA SER B 211 11.99 37.07 -15.67
C SER B 211 12.19 36.98 -17.18
N TYR B 212 13.32 36.42 -17.59
CA TYR B 212 13.64 36.25 -18.99
C TYR B 212 12.54 35.48 -19.70
N ILE B 213 12.22 34.30 -19.18
CA ILE B 213 11.19 33.46 -19.75
C ILE B 213 9.88 34.23 -19.94
N SER B 214 9.47 34.96 -18.91
CA SER B 214 8.23 35.72 -18.94
C SER B 214 8.16 36.79 -20.03
N THR B 215 9.29 37.12 -20.66
CA THR B 215 9.27 38.13 -21.72
C THR B 215 8.60 37.66 -22.99
N PHE B 216 8.60 36.36 -23.23
CA PHE B 216 8.00 35.81 -24.44
C PHE B 216 7.11 34.61 -24.17
N MET B 217 7.26 34.02 -22.99
CA MET B 217 6.49 32.84 -22.61
C MET B 217 5.85 32.98 -21.23
N THR B 218 4.53 32.91 -21.19
CA THR B 218 3.81 33.01 -19.92
C THR B 218 3.97 31.73 -19.12
N LEU B 219 4.33 31.87 -17.85
CA LEU B 219 4.49 30.73 -16.95
C LEU B 219 3.23 30.59 -16.13
N GLU B 220 2.63 29.40 -16.17
CA GLU B 220 1.40 29.11 -15.46
C GLU B 220 1.65 28.60 -14.03
N PRO B 221 0.66 28.75 -13.15
CA PRO B 221 0.81 28.28 -11.77
C PRO B 221 1.15 26.79 -11.84
N LEU B 222 2.14 26.38 -11.05
CA LEU B 222 2.62 25.01 -10.95
C LEU B 222 3.51 24.51 -12.08
N ASP B 223 3.90 25.42 -13.00
CA ASP B 223 4.84 25.05 -14.05
C ASP B 223 6.17 24.83 -13.33
N VAL B 224 7.04 24.03 -13.92
CA VAL B 224 8.35 23.74 -13.31
C VAL B 224 9.49 24.35 -14.12
N VAL B 225 10.44 24.97 -13.43
CA VAL B 225 11.58 25.54 -14.12
C VAL B 225 12.89 24.99 -13.56
N LEU B 226 13.70 24.39 -14.44
CA LEU B 226 15.00 23.84 -14.03
C LEU B 226 16.06 24.94 -14.13
N THR B 227 16.87 25.09 -13.08
CA THR B 227 17.87 26.15 -13.05
C THR B 227 19.28 25.85 -13.59
N GLY B 228 19.48 24.66 -14.14
CA GLY B 228 20.80 24.34 -14.67
C GLY B 228 21.56 23.40 -13.74
N THR B 229 22.59 22.74 -14.28
CA THR B 229 23.36 21.79 -13.48
C THR B 229 24.82 22.20 -13.29
N PRO B 230 25.36 21.97 -12.07
CA PRO B 230 26.75 22.31 -11.77
C PRO B 230 27.72 21.38 -12.49
N GLU B 231 28.98 21.42 -12.10
CA GLU B 231 29.99 20.58 -12.73
C GLU B 231 30.05 19.18 -12.10
N GLY B 232 30.33 18.18 -12.93
CA GLY B 232 30.41 16.81 -12.44
C GLY B 232 29.50 15.83 -13.19
N VAL B 233 28.84 16.30 -14.23
CA VAL B 233 27.94 15.45 -15.00
C VAL B 233 28.68 14.21 -15.50
N GLY B 234 28.21 13.03 -15.09
CA GLY B 234 28.84 11.79 -15.51
C GLY B 234 27.86 10.85 -16.18
N ALA B 235 28.30 9.64 -16.48
CA ALA B 235 27.44 8.67 -17.13
C ALA B 235 26.71 7.78 -16.13
N LEU B 236 25.68 7.09 -16.60
CA LEU B 236 24.87 6.21 -15.77
C LEU B 236 24.81 4.81 -16.35
N ARG B 237 24.59 3.83 -15.47
CA ARG B 237 24.48 2.44 -15.87
C ARG B 237 23.23 1.89 -15.21
N PRO B 238 22.59 0.90 -15.85
CA PRO B 238 21.37 0.32 -15.27
C PRO B 238 21.60 -0.10 -13.83
N GLY B 239 20.62 0.16 -12.97
CA GLY B 239 20.75 -0.21 -11.58
C GLY B 239 21.33 0.89 -10.71
N ASP B 240 21.99 1.86 -11.33
CA ASP B 240 22.58 2.97 -10.59
C ASP B 240 21.56 3.65 -9.68
N ARG B 241 22.02 4.05 -8.49
CA ARG B 241 21.16 4.72 -7.53
C ARG B 241 21.62 6.15 -7.31
N LEU B 242 20.71 7.11 -7.52
CA LEU B 242 21.04 8.52 -7.36
C LEU B 242 20.41 9.15 -6.13
N GLU B 243 21.13 10.09 -5.54
CA GLU B 243 20.66 10.80 -4.36
C GLU B 243 21.10 12.24 -4.52
N VAL B 244 20.13 13.15 -4.66
CA VAL B 244 20.45 14.56 -4.81
C VAL B 244 19.91 15.33 -3.63
N ALA B 245 20.82 15.83 -2.80
CA ALA B 245 20.47 16.58 -1.61
C ALA B 245 20.67 18.07 -1.81
N VAL B 246 19.65 18.85 -1.48
CA VAL B 246 19.72 20.29 -1.62
C VAL B 246 19.42 20.89 -0.27
N GLU B 247 20.43 21.51 0.32
CA GLU B 247 20.29 22.12 1.64
C GLU B 247 19.06 23.01 1.77
N GLY B 248 18.26 22.74 2.80
CA GLY B 248 17.06 23.52 3.05
C GLY B 248 15.85 23.13 2.24
N VAL B 249 15.99 22.12 1.39
CA VAL B 249 14.87 21.68 0.55
C VAL B 249 14.52 20.24 0.86
N GLY B 250 15.42 19.32 0.51
CA GLY B 250 15.17 17.92 0.77
C GLY B 250 16.11 17.07 -0.05
N THR B 251 15.90 15.77 -0.04
CA THR B 251 16.75 14.86 -0.80
C THR B 251 15.92 14.03 -1.75
N LEU B 252 16.28 14.10 -3.02
CA LEU B 252 15.59 13.35 -4.06
C LEU B 252 16.27 12.01 -4.30
N PHE B 253 15.52 10.93 -4.15
CA PHE B 253 16.06 9.61 -4.38
C PHE B 253 15.44 9.04 -5.65
N THR B 254 16.30 8.60 -6.56
CA THR B 254 15.82 8.00 -7.80
C THR B 254 16.83 6.98 -8.25
N LEU B 255 16.45 6.12 -9.18
CA LEU B 255 17.37 5.10 -9.70
C LEU B 255 17.10 4.75 -11.14
N ILE B 256 18.10 4.17 -11.79
CA ILE B 256 17.99 3.76 -13.18
C ILE B 256 17.58 2.30 -13.26
N GLY B 257 16.59 1.99 -14.09
CA GLY B 257 16.15 0.63 -14.23
C GLY B 257 16.94 -0.11 -15.29
N PRO B 258 16.62 -1.38 -15.56
CA PRO B 258 17.33 -2.18 -16.55
C PRO B 258 17.19 -1.64 -17.98
N LYS B 259 18.08 -2.09 -18.86
CA LYS B 259 18.07 -1.68 -20.26
C LYS B 259 16.83 -2.25 -20.93
N GLU B 260 16.10 -1.42 -21.66
CA GLU B 260 14.91 -1.92 -22.35
C GLU B 260 15.30 -2.42 -23.73
N GLU B 261 14.47 -3.28 -24.30
CA GLU B 261 14.74 -3.84 -25.61
C GLU B 261 13.95 -3.06 -26.65
N ARG B 262 13.87 -3.61 -27.86
CA ARG B 262 13.12 -2.98 -28.94
C ARG B 262 11.68 -2.75 -28.47
N PRO B 263 11.09 -1.59 -28.82
CA PRO B 263 9.72 -1.21 -28.45
C PRO B 263 8.63 -2.24 -28.75
N TRP B 264 8.79 -2.96 -29.86
CA TRP B 264 7.82 -3.98 -30.25
C TRP B 264 8.49 -4.94 -31.23
N MET C 1 -2.36 -48.44 16.89
CA MET C 1 -1.02 -48.22 17.52
C MET C 1 -1.13 -47.14 18.60
N LYS C 2 -0.52 -47.40 19.75
CA LYS C 2 -0.57 -46.45 20.87
C LYS C 2 0.66 -45.55 20.88
N ILE C 3 0.44 -44.26 20.74
CA ILE C 3 1.52 -43.29 20.76
C ILE C 3 1.43 -42.52 22.07
N LEU C 4 2.55 -42.33 22.75
CA LEU C 4 2.53 -41.61 24.02
C LEU C 4 3.69 -40.64 24.16
N ARG C 5 3.52 -39.69 25.09
CA ARG C 5 4.54 -38.70 25.42
C ARG C 5 4.92 -39.02 26.85
N PHE C 6 6.22 -38.96 27.15
CA PHE C 6 6.65 -39.29 28.49
C PHE C 6 7.96 -38.62 28.89
N ASN C 7 8.23 -38.65 30.19
CA ASN C 7 9.42 -38.06 30.77
C ASN C 7 9.73 -36.65 30.27
N GLU C 8 10.89 -36.46 29.67
CA GLU C 8 11.27 -35.13 29.18
C GLU C 8 10.64 -34.78 27.83
N GLY C 9 9.35 -35.02 27.69
CA GLY C 9 8.67 -34.70 26.45
C GLY C 9 9.09 -35.62 25.31
N ARG C 10 9.45 -36.85 25.64
CA ARG C 10 9.84 -37.83 24.65
C ARG C 10 8.59 -38.48 24.07
N TRP C 11 8.72 -39.03 22.86
CA TRP C 11 7.61 -39.72 22.20
C TRP C 11 7.91 -41.21 22.10
N GLY C 12 6.87 -42.02 22.11
CA GLY C 12 7.07 -43.45 22.02
C GLY C 12 5.83 -44.21 21.59
N VAL C 13 6.03 -45.49 21.32
CA VAL C 13 4.95 -46.39 20.92
C VAL C 13 4.91 -47.48 21.99
N LEU C 14 3.70 -47.88 22.38
CA LEU C 14 3.53 -48.88 23.41
C LEU C 14 3.30 -50.28 22.88
N GLU C 15 4.09 -51.22 23.37
CA GLU C 15 3.95 -52.63 22.99
C GLU C 15 3.94 -53.41 24.28
N GLY C 16 2.74 -53.74 24.76
CA GLY C 16 2.61 -54.48 26.00
C GLY C 16 2.99 -53.59 27.17
N GLU C 17 4.11 -53.91 27.80
CA GLU C 17 4.61 -53.15 28.95
C GLU C 17 5.83 -52.34 28.53
N LEU C 18 6.27 -52.52 27.30
CA LEU C 18 7.43 -51.81 26.79
C LEU C 18 7.06 -50.54 26.04
N VAL C 19 7.83 -49.49 26.27
CA VAL C 19 7.64 -48.21 25.61
C VAL C 19 8.84 -48.04 24.68
N LEU C 20 8.61 -48.08 23.38
CA LEU C 20 9.70 -47.92 22.43
C LEU C 20 9.76 -46.47 21.98
N GLU C 21 10.84 -45.78 22.35
CA GLU C 21 10.98 -44.38 21.99
C GLU C 21 11.09 -44.16 20.50
N THR C 22 10.53 -43.05 20.04
CA THR C 22 10.55 -42.69 18.63
C THR C 22 10.96 -41.23 18.47
N ASP C 23 11.38 -40.88 17.25
CA ASP C 23 11.78 -39.52 16.96
C ASP C 23 10.50 -38.83 16.49
N GLY C 24 9.83 -38.14 17.41
CA GLY C 24 8.59 -37.47 17.08
C GLY C 24 7.44 -38.45 17.17
N PRO C 25 6.18 -37.97 17.10
CA PRO C 25 4.99 -38.82 17.17
C PRO C 25 5.00 -39.86 16.06
N GLY C 26 4.97 -41.14 16.43
CA GLY C 26 4.98 -42.21 15.45
C GLY C 26 6.19 -42.20 14.53
N GLY C 27 7.24 -41.48 14.91
CA GLY C 27 8.44 -41.43 14.09
C GLY C 27 9.34 -42.64 14.18
N ASN C 28 10.50 -42.59 13.54
CA ASN C 28 11.47 -43.68 13.55
C ASN C 28 11.94 -44.00 14.96
N PRO C 29 12.12 -45.30 15.29
CA PRO C 29 12.57 -45.68 16.62
C PRO C 29 13.97 -45.12 16.86
N THR C 30 14.30 -44.82 18.11
CA THR C 30 15.62 -44.29 18.43
C THR C 30 16.53 -45.41 18.92
N GLY C 31 15.92 -46.52 19.31
CA GLY C 31 16.68 -47.64 19.82
C GLY C 31 16.52 -47.77 21.33
N ARG C 32 16.01 -46.72 21.97
CA ARG C 32 15.80 -46.73 23.42
C ARG C 32 14.44 -47.32 23.78
N ARG C 33 14.40 -48.05 24.89
CA ARG C 33 13.15 -48.63 25.36
C ARG C 33 13.02 -48.37 26.86
N TYR C 34 11.79 -48.36 27.36
CA TYR C 34 11.53 -48.11 28.76
C TYR C 34 10.36 -48.97 29.20
N ASP C 35 10.29 -49.25 30.50
CA ASP C 35 9.18 -50.04 31.01
C ASP C 35 8.09 -49.01 31.33
N LEU C 36 6.86 -49.30 30.91
CA LEU C 36 5.74 -48.39 31.13
C LEU C 36 5.64 -47.90 32.57
N ALA C 37 5.60 -48.84 33.51
CA ALA C 37 5.47 -48.52 34.92
C ALA C 37 6.49 -47.52 35.45
N SER C 38 7.65 -47.42 34.80
CA SER C 38 8.68 -46.49 35.27
C SER C 38 8.80 -45.15 34.55
N VAL C 39 7.89 -44.84 33.63
CA VAL C 39 7.97 -43.55 32.95
C VAL C 39 6.87 -42.63 33.47
N THR C 40 7.07 -41.33 33.33
CA THR C 40 6.06 -40.37 33.75
C THR C 40 5.25 -40.01 32.51
N LEU C 41 4.00 -40.44 32.47
CA LEU C 41 3.12 -40.15 31.33
C LEU C 41 2.71 -38.68 31.27
N LEU C 42 2.72 -38.13 30.07
CA LEU C 42 2.33 -36.74 29.83
C LEU C 42 1.15 -36.73 28.86
N PRO C 43 0.48 -35.58 28.72
CA PRO C 43 -0.65 -35.54 27.77
C PRO C 43 0.00 -35.85 26.43
N PRO C 44 -0.65 -36.70 25.60
CA PRO C 44 -0.09 -37.07 24.29
C PRO C 44 -0.28 -36.05 23.16
N ALA C 45 0.17 -34.82 23.40
CA ALA C 45 0.07 -33.76 22.41
C ALA C 45 0.72 -32.50 22.96
N THR C 46 1.13 -31.61 22.04
CA THR C 46 1.73 -30.32 22.38
C THR C 46 0.96 -29.33 21.50
N PRO C 47 -0.29 -29.03 21.88
CA PRO C 47 -1.21 -28.13 21.19
C PRO C 47 -0.96 -26.65 21.24
N THR C 48 -1.24 -25.97 20.14
CA THR C 48 -1.10 -24.52 20.10
C THR C 48 -2.41 -23.98 20.68
N LYS C 49 -3.44 -24.82 20.66
CA LYS C 49 -4.76 -24.47 21.19
C LYS C 49 -5.63 -25.71 21.32
N ILE C 50 -6.66 -25.61 22.15
CA ILE C 50 -7.57 -26.72 22.37
C ILE C 50 -9.00 -26.24 22.10
N VAL C 51 -9.63 -26.80 21.08
CA VAL C 51 -11.00 -26.41 20.71
C VAL C 51 -11.97 -27.47 21.21
N CYS C 52 -13.01 -27.04 21.91
CA CYS C 52 -13.99 -27.96 22.48
C CYS C 52 -15.41 -27.72 22.01
N VAL C 53 -16.15 -28.83 21.88
CA VAL C 53 -17.53 -28.79 21.42
C VAL C 53 -18.47 -28.80 22.61
N GLY C 54 -19.58 -28.08 22.49
CA GLY C 54 -20.57 -28.04 23.56
C GLY C 54 -21.42 -29.30 23.53
N ARG C 55 -22.74 -29.14 23.43
CA ARG C 55 -23.62 -30.31 23.38
C ARG C 55 -23.41 -31.06 22.08
N ASN C 56 -23.31 -32.38 22.16
CA ASN C 56 -23.09 -33.18 20.96
C ASN C 56 -23.62 -34.61 21.06
N TYR C 57 -24.34 -34.89 22.15
CA TYR C 57 -24.93 -36.22 22.35
C TYR C 57 -26.44 -36.16 22.51
N PRO C 73 -29.23 -27.64 17.42
CA PRO C 73 -28.12 -26.81 16.95
C PRO C 73 -27.74 -27.14 15.51
N LYS C 74 -27.76 -26.14 14.64
CA LYS C 74 -27.41 -26.35 13.23
C LYS C 74 -25.88 -26.44 13.06
N GLU C 75 -25.15 -25.83 14.00
CA GLU C 75 -23.70 -25.83 13.97
C GLU C 75 -23.15 -26.23 15.33
N PRO C 76 -21.92 -26.74 15.37
CA PRO C 76 -21.30 -27.15 16.63
C PRO C 76 -21.02 -25.95 17.53
N GLY C 77 -21.34 -26.08 18.83
CA GLY C 77 -21.04 -25.01 19.76
C GLY C 77 -19.58 -25.20 20.15
N LEU C 78 -18.78 -24.13 20.07
CA LEU C 78 -17.36 -24.23 20.38
C LEU C 78 -16.84 -23.33 21.49
N PHE C 79 -15.78 -23.77 22.15
CA PHE C 79 -15.11 -22.98 23.19
C PHE C 79 -13.66 -23.42 23.33
N LEU C 80 -12.80 -22.49 23.74
CA LEU C 80 -11.37 -22.78 23.88
C LEU C 80 -10.85 -23.03 25.28
N LYS C 81 -9.75 -23.77 25.35
CA LYS C 81 -9.05 -24.04 26.59
C LYS C 81 -7.59 -23.71 26.27
N GLY C 82 -6.91 -23.01 27.17
CA GLY C 82 -5.51 -22.72 26.93
C GLY C 82 -4.71 -23.97 27.29
N PRO C 83 -3.48 -24.11 26.78
CA PRO C 83 -2.65 -25.28 27.08
C PRO C 83 -2.40 -25.44 28.59
N ASN C 84 -2.54 -24.35 29.33
CA ASN C 84 -2.34 -24.37 30.78
C ASN C 84 -3.33 -25.32 31.45
N ALA C 85 -4.42 -25.63 30.75
CA ALA C 85 -5.42 -26.55 31.29
C ALA C 85 -4.95 -28.00 31.32
N LEU C 86 -3.98 -28.35 30.48
CA LEU C 86 -3.49 -29.74 30.42
C LEU C 86 -2.98 -30.28 31.75
N ALA C 87 -3.39 -31.51 32.08
CA ALA C 87 -2.96 -32.17 33.31
C ALA C 87 -2.52 -33.60 33.01
N ARG C 88 -1.39 -34.01 33.59
CA ARG C 88 -0.86 -35.35 33.35
C ARG C 88 -1.83 -36.47 33.72
N PRO C 89 -1.95 -37.48 32.85
CA PRO C 89 -2.84 -38.63 33.09
C PRO C 89 -2.16 -39.60 34.03
N GLY C 90 -2.97 -40.41 34.71
CA GLY C 90 -2.39 -41.38 35.62
C GLY C 90 -1.80 -42.56 34.86
N ASN C 91 -0.64 -43.01 35.30
CA ASN C 91 0.01 -44.17 34.66
C ASN C 91 -0.88 -45.37 34.97
N PRO C 92 -1.33 -46.10 33.93
CA PRO C 92 -2.19 -47.27 34.15
C PRO C 92 -1.64 -48.34 35.11
N ARG C 93 -0.35 -48.27 35.44
CA ARG C 93 0.23 -49.25 36.37
C ARG C 93 0.16 -48.81 37.82
N ASP C 94 -0.07 -47.51 38.03
CA ASP C 94 -0.19 -46.91 39.38
C ASP C 94 -0.84 -45.55 39.12
N PRO C 95 -2.12 -45.56 38.75
CA PRO C 95 -2.89 -44.36 38.45
C PRO C 95 -3.03 -43.31 39.53
N TRP C 96 -3.45 -43.73 40.71
CA TRP C 96 -3.67 -42.82 41.82
C TRP C 96 -2.44 -42.15 42.40
N GLY C 97 -1.27 -42.77 42.26
CA GLY C 97 -0.08 -42.16 42.81
C GLY C 97 0.73 -41.37 41.80
N THR C 98 0.30 -41.37 40.54
CA THR C 98 1.03 -40.67 39.48
C THR C 98 0.26 -39.54 38.81
N ALA C 99 -1.06 -39.68 38.76
CA ALA C 99 -1.90 -38.68 38.11
C ALA C 99 -1.74 -37.29 38.72
N GLU C 100 -1.73 -36.26 37.87
CA GLU C 100 -1.61 -34.89 38.34
C GLU C 100 -2.98 -34.49 38.86
N PRO C 101 -3.10 -34.21 40.17
CA PRO C 101 -4.38 -33.83 40.74
C PRO C 101 -4.93 -32.52 40.18
N VAL C 102 -6.24 -32.41 40.08
CA VAL C 102 -6.86 -31.19 39.62
C VAL C 102 -7.25 -30.42 40.88
N PRO C 103 -6.54 -29.34 41.20
CA PRO C 103 -6.88 -28.57 42.40
C PRO C 103 -8.33 -28.09 42.34
N TYR C 104 -9.08 -28.26 43.44
CA TYR C 104 -10.45 -27.78 43.47
C TYR C 104 -10.25 -26.27 43.70
N PRO C 105 -10.50 -25.45 42.67
CA PRO C 105 -10.35 -23.99 42.72
C PRO C 105 -11.04 -23.29 43.87
N PHE C 106 -10.45 -22.17 44.28
CA PHE C 106 -10.99 -21.37 45.36
C PHE C 106 -12.16 -20.55 44.86
N PHE C 107 -12.13 -20.20 43.57
CA PHE C 107 -13.18 -19.37 42.98
C PHE C 107 -14.52 -20.04 42.69
N THR C 108 -14.62 -21.35 42.90
CA THR C 108 -15.88 -22.04 42.62
C THR C 108 -16.30 -22.97 43.73
N GLU C 109 -17.56 -23.40 43.69
CA GLU C 109 -18.10 -24.32 44.67
C GLU C 109 -18.93 -25.36 43.93
N GLU C 110 -18.89 -25.27 42.59
CA GLU C 110 -19.64 -26.18 41.74
C GLU C 110 -18.74 -26.69 40.62
N LEU C 111 -17.86 -27.63 40.95
CA LEU C 111 -16.95 -28.22 39.98
C LEU C 111 -17.55 -29.50 39.39
N HIS C 112 -17.62 -29.56 38.06
CA HIS C 112 -18.19 -30.72 37.38
C HIS C 112 -17.18 -31.45 36.51
N TYR C 113 -17.43 -32.75 36.28
CA TYR C 113 -16.57 -33.58 35.45
C TYR C 113 -17.33 -33.87 34.15
N GLU C 114 -16.58 -34.13 33.08
CA GLU C 114 -17.17 -34.44 31.79
C GLU C 114 -16.18 -35.29 30.99
N GLY C 115 -16.44 -36.60 30.94
CA GLY C 115 -15.56 -37.50 30.19
C GLY C 115 -15.84 -37.42 28.70
N GLU C 116 -14.79 -37.33 27.89
CA GLU C 116 -14.99 -37.21 26.46
C GLU C 116 -13.92 -37.85 25.59
N LEU C 117 -14.25 -38.05 24.32
CA LEU C 117 -13.32 -38.58 23.35
C LEU C 117 -12.55 -37.36 22.86
N ALA C 118 -11.22 -37.45 22.81
CA ALA C 118 -10.44 -36.32 22.36
C ALA C 118 -9.76 -36.66 21.03
N VAL C 119 -9.51 -35.64 20.22
CA VAL C 119 -8.87 -35.84 18.93
C VAL C 119 -7.56 -35.07 18.83
N VAL C 120 -6.50 -35.73 18.37
CA VAL C 120 -5.22 -35.05 18.18
C VAL C 120 -4.95 -34.93 16.70
N VAL C 121 -4.87 -33.69 16.23
CA VAL C 121 -4.63 -33.38 14.83
C VAL C 121 -3.22 -33.73 14.37
N GLY C 122 -3.13 -34.38 13.22
CA GLY C 122 -1.83 -34.76 12.70
C GLY C 122 -1.31 -33.82 11.64
N ASP C 123 -2.18 -33.38 10.73
CA ASP C 123 -1.80 -32.48 9.66
C ASP C 123 -2.61 -31.18 9.73
N ARG C 124 -1.99 -30.09 9.30
CA ARG C 124 -2.65 -28.78 9.31
C ARG C 124 -3.99 -28.84 8.58
N MET C 125 -5.01 -28.23 9.18
CA MET C 125 -6.34 -28.22 8.58
C MET C 125 -6.93 -26.83 8.37
N ARG C 126 -7.14 -26.47 7.11
CA ARG C 126 -7.75 -25.18 6.74
C ARG C 126 -8.68 -25.45 5.54
N HIS C 127 -9.97 -25.20 5.71
CA HIS C 127 -10.95 -25.44 4.64
C HIS C 127 -10.90 -26.91 4.21
N VAL C 128 -11.18 -27.81 5.13
CA VAL C 128 -11.15 -29.24 4.85
C VAL C 128 -12.54 -29.83 4.89
N PRO C 129 -13.02 -30.38 3.76
CA PRO C 129 -14.36 -30.96 3.75
C PRO C 129 -14.37 -32.20 4.65
N PRO C 130 -15.56 -32.56 5.17
CA PRO C 130 -15.74 -33.72 6.06
C PRO C 130 -15.13 -35.04 5.57
N GLU C 131 -15.31 -35.34 4.28
CA GLU C 131 -14.81 -36.58 3.71
C GLU C 131 -13.30 -36.71 3.81
N LYS C 132 -12.61 -35.59 3.97
CA LYS C 132 -11.15 -35.59 4.06
C LYS C 132 -10.63 -35.33 5.46
N ALA C 133 -11.53 -34.99 6.38
CA ALA C 133 -11.17 -34.67 7.75
C ALA C 133 -10.37 -35.71 8.54
N LEU C 134 -10.92 -36.91 8.69
CA LEU C 134 -10.25 -37.96 9.46
C LEU C 134 -8.86 -38.29 8.95
N ASP C 135 -8.56 -37.85 7.73
CA ASP C 135 -7.27 -38.11 7.13
C ASP C 135 -6.18 -37.22 7.74
N HIS C 136 -6.59 -36.13 8.38
CA HIS C 136 -5.66 -35.20 9.02
C HIS C 136 -5.48 -35.49 10.51
N VAL C 137 -6.09 -36.57 10.97
CA VAL C 137 -6.03 -36.96 12.38
C VAL C 137 -4.88 -37.91 12.70
N LEU C 138 -4.10 -37.54 13.71
CA LEU C 138 -2.98 -38.39 14.14
C LEU C 138 -3.55 -39.54 14.96
N GLY C 139 -4.42 -39.20 15.91
CA GLY C 139 -5.02 -40.22 16.75
C GLY C 139 -6.04 -39.68 17.73
N TYR C 140 -6.57 -40.57 18.55
CA TYR C 140 -7.59 -40.21 19.54
C TYR C 140 -7.12 -40.59 20.93
N THR C 141 -7.49 -39.76 21.90
CA THR C 141 -7.13 -40.04 23.28
C THR C 141 -8.35 -39.72 24.15
N VAL C 142 -8.17 -39.75 25.47
CA VAL C 142 -9.29 -39.50 26.36
C VAL C 142 -9.10 -38.21 27.15
N ALA C 143 -10.20 -37.59 27.54
CA ALA C 143 -10.14 -36.34 28.28
C ALA C 143 -11.24 -36.18 29.30
N VAL C 144 -10.98 -35.29 30.26
CA VAL C 144 -11.97 -34.93 31.26
C VAL C 144 -12.07 -33.41 31.16
N ASP C 145 -13.20 -32.93 30.66
CA ASP C 145 -13.43 -31.49 30.52
C ASP C 145 -13.89 -31.00 31.89
N ILE C 146 -12.95 -30.53 32.72
CA ILE C 146 -13.33 -30.03 34.04
C ILE C 146 -14.07 -28.72 33.86
N THR C 147 -15.19 -28.58 34.56
CA THR C 147 -16.03 -27.39 34.45
C THR C 147 -16.46 -26.79 35.80
N ALA C 148 -16.35 -25.47 35.91
CA ALA C 148 -16.78 -24.77 37.12
C ALA C 148 -18.10 -24.11 36.72
N ARG C 149 -19.18 -24.84 36.96
CA ARG C 149 -20.53 -24.41 36.59
C ARG C 149 -21.00 -23.03 37.06
N ASP C 150 -20.66 -22.63 38.29
CA ASP C 150 -21.13 -21.34 38.78
C ASP C 150 -20.57 -20.14 38.01
N VAL C 151 -19.24 -19.98 37.98
CA VAL C 151 -18.68 -18.85 37.26
C VAL C 151 -19.04 -18.93 35.76
N GLN C 152 -19.37 -20.13 35.30
CA GLN C 152 -19.74 -20.33 33.89
C GLN C 152 -21.01 -19.56 33.54
N LYS C 153 -21.79 -19.21 34.56
CA LYS C 153 -23.05 -18.49 34.35
C LYS C 153 -22.91 -16.98 34.54
N LYS C 154 -21.95 -16.58 35.37
CA LYS C 154 -21.73 -15.17 35.68
C LYS C 154 -20.72 -14.45 34.78
N ASP C 155 -19.58 -15.09 34.54
CA ASP C 155 -18.51 -14.50 33.73
C ASP C 155 -18.90 -14.12 32.30
N LEU C 156 -18.08 -13.27 31.70
CA LEU C 156 -18.30 -12.81 30.33
C LEU C 156 -18.19 -13.99 29.36
N GLN C 157 -17.18 -14.83 29.59
CA GLN C 157 -16.94 -16.01 28.76
C GLN C 157 -16.49 -17.17 29.65
N TRP C 158 -16.37 -18.37 29.08
CA TRP C 158 -15.99 -19.54 29.87
C TRP C 158 -14.50 -19.71 30.15
N VAL C 159 -13.79 -18.61 30.41
CA VAL C 159 -12.36 -18.71 30.67
C VAL C 159 -12.07 -19.40 32.00
N ARG C 160 -12.62 -18.86 33.08
CA ARG C 160 -12.43 -19.47 34.39
C ARG C 160 -13.20 -20.77 34.50
N ALA C 161 -14.33 -20.83 33.82
CA ALA C 161 -15.18 -22.01 33.87
C ALA C 161 -14.56 -23.24 33.21
N LYS C 162 -13.80 -23.02 32.15
CA LYS C 162 -13.23 -24.13 31.40
C LYS C 162 -11.71 -24.16 31.24
N SER C 163 -11.06 -23.00 31.35
CA SER C 163 -9.62 -22.95 31.10
C SER C 163 -8.71 -22.64 32.29
N ALA C 164 -9.13 -22.99 33.50
CA ALA C 164 -8.30 -22.77 34.67
C ALA C 164 -7.20 -23.84 34.60
N ASP C 165 -6.09 -23.61 35.31
CA ASP C 165 -5.00 -24.57 35.30
C ASP C 165 -5.49 -25.99 35.63
N LYS C 166 -4.98 -26.98 34.90
CA LYS C 166 -5.31 -28.39 35.11
C LYS C 166 -6.76 -28.78 34.83
N PHE C 167 -7.52 -27.92 34.15
CA PHE C 167 -8.90 -28.26 33.85
C PHE C 167 -9.06 -29.22 32.66
N LEU C 168 -7.96 -29.82 32.24
CA LEU C 168 -8.03 -30.78 31.15
C LEU C 168 -7.11 -31.99 31.28
N PRO C 169 -7.45 -32.92 32.18
CA PRO C 169 -6.58 -34.10 32.30
C PRO C 169 -6.68 -34.73 30.89
N LEU C 170 -5.58 -35.23 30.35
CA LEU C 170 -5.62 -35.79 29.00
C LEU C 170 -4.64 -36.93 28.80
N GLY C 171 -5.14 -38.04 28.25
CA GLY C 171 -4.30 -39.20 28.03
C GLY C 171 -5.13 -40.48 28.03
N PRO C 172 -4.53 -41.63 28.36
CA PRO C 172 -3.13 -41.85 28.73
C PRO C 172 -2.19 -41.83 27.53
N TRP C 173 -2.76 -42.02 26.35
CA TRP C 173 -1.99 -42.04 25.11
C TRP C 173 -2.98 -41.93 23.97
N LEU C 174 -2.50 -41.89 22.74
CA LEU C 174 -3.43 -41.80 21.63
C LEU C 174 -3.43 -43.06 20.77
N GLU C 175 -4.57 -43.36 20.19
CA GLU C 175 -4.75 -44.51 19.33
C GLU C 175 -4.86 -43.98 17.90
N THR C 176 -3.98 -44.48 17.03
CA THR C 176 -3.96 -44.04 15.63
C THR C 176 -5.02 -44.70 14.75
N ASP C 177 -5.42 -45.92 15.10
CA ASP C 177 -6.40 -46.65 14.31
C ASP C 177 -7.72 -46.84 15.05
N LEU C 178 -8.75 -46.12 14.63
CA LEU C 178 -10.04 -46.21 15.29
C LEU C 178 -11.16 -45.53 14.49
N ASN C 179 -12.37 -46.05 14.61
CA ASN C 179 -13.54 -45.46 13.96
C ASN C 179 -14.14 -44.63 15.09
N PRO C 180 -13.93 -43.31 15.05
CA PRO C 180 -14.46 -42.41 16.09
C PRO C 180 -15.96 -42.47 16.35
N GLN C 181 -16.76 -42.83 15.35
CA GLN C 181 -18.20 -42.88 15.52
C GLN C 181 -18.72 -44.25 15.94
N ASP C 182 -17.83 -45.15 16.33
CA ASP C 182 -18.24 -46.48 16.76
C ASP C 182 -17.49 -46.96 18.00
N THR C 183 -17.59 -46.20 19.08
CA THR C 183 -16.93 -46.57 20.32
C THR C 183 -17.71 -46.08 21.54
N TRP C 184 -17.34 -46.59 22.71
CA TRP C 184 -18.03 -46.20 23.94
C TRP C 184 -17.14 -45.38 24.88
N VAL C 185 -17.75 -44.39 25.51
CA VAL C 185 -17.08 -43.52 26.46
C VAL C 185 -17.75 -43.74 27.81
N ARG C 186 -17.02 -44.33 28.76
CA ARG C 186 -17.59 -44.58 30.09
C ARG C 186 -16.80 -43.85 31.18
N THR C 187 -17.53 -43.18 32.07
CA THR C 187 -16.90 -42.45 33.16
C THR C 187 -17.28 -43.05 34.51
N TYR C 188 -16.28 -43.29 35.35
CA TYR C 188 -16.50 -43.86 36.68
C TYR C 188 -16.04 -42.86 37.74
N VAL C 189 -16.87 -42.66 38.77
CA VAL C 189 -16.52 -41.74 39.85
C VAL C 189 -16.42 -42.55 41.14
N ASN C 190 -15.21 -42.66 41.66
CA ASN C 190 -14.95 -43.43 42.88
C ASN C 190 -15.31 -44.90 42.66
N GLY C 191 -15.23 -45.35 41.41
CA GLY C 191 -15.51 -46.74 41.09
C GLY C 191 -16.92 -47.01 40.63
N THR C 192 -17.78 -46.00 40.63
CA THR C 192 -19.17 -46.16 40.20
C THR C 192 -19.40 -45.54 38.83
N LEU C 193 -20.00 -46.31 37.93
CA LEU C 193 -20.30 -45.85 36.58
C LEU C 193 -21.29 -44.70 36.63
N ARG C 194 -20.92 -43.57 36.05
CA ARG C 194 -21.78 -42.39 36.05
C ARG C 194 -22.15 -41.93 34.64
N GLN C 195 -21.28 -42.22 33.67
CA GLN C 195 -21.53 -41.84 32.29
C GLN C 195 -21.27 -43.05 31.39
N GLU C 196 -22.00 -43.12 30.28
CA GLU C 196 -21.84 -44.22 29.33
C GLU C 196 -22.58 -43.87 28.04
N GLY C 197 -21.84 -43.39 27.05
CA GLY C 197 -22.47 -43.04 25.79
C GLY C 197 -21.81 -43.69 24.60
N HIS C 198 -22.54 -43.76 23.49
CA HIS C 198 -22.04 -44.35 22.26
C HIS C 198 -21.76 -43.21 21.29
N THR C 199 -20.55 -43.15 20.76
CA THR C 199 -20.18 -42.08 19.84
C THR C 199 -20.99 -42.04 18.56
N SER C 200 -21.72 -43.11 18.28
CA SER C 200 -22.55 -43.13 17.08
C SER C 200 -23.69 -42.13 17.26
N GLN C 201 -23.97 -41.79 18.52
CA GLN C 201 -25.03 -40.86 18.86
C GLN C 201 -24.62 -39.39 18.84
N MET C 202 -23.46 -39.10 18.27
CA MET C 202 -22.98 -37.73 18.17
C MET C 202 -23.80 -36.93 17.17
N ILE C 203 -24.23 -35.74 17.58
CA ILE C 203 -25.00 -34.87 16.70
C ILE C 203 -24.12 -34.49 15.52
N PHE C 204 -22.87 -34.16 15.82
CA PHE C 204 -21.89 -33.81 14.81
C PHE C 204 -20.75 -34.81 14.94
N SER C 205 -20.39 -35.46 13.83
CA SER C 205 -19.32 -36.44 13.87
C SER C 205 -17.96 -35.72 13.98
N VAL C 206 -16.96 -36.46 14.44
CA VAL C 206 -15.62 -35.90 14.58
C VAL C 206 -15.23 -35.23 13.28
N ALA C 207 -15.47 -35.93 12.17
CA ALA C 207 -15.13 -35.41 10.85
C ALA C 207 -15.86 -34.10 10.56
N GLU C 208 -17.10 -33.98 11.00
CA GLU C 208 -17.87 -32.77 10.76
C GLU C 208 -17.33 -31.63 11.64
N ILE C 209 -17.00 -31.96 12.89
CA ILE C 209 -16.46 -30.96 13.81
C ILE C 209 -15.16 -30.38 13.23
N LEU C 210 -14.22 -31.27 12.92
CA LEU C 210 -12.94 -30.82 12.37
C LEU C 210 -13.15 -29.94 11.15
N SER C 211 -13.99 -30.41 10.23
CA SER C 211 -14.26 -29.69 9.01
C SER C 211 -14.82 -28.29 9.31
N TYR C 212 -15.82 -28.23 10.17
CA TYR C 212 -16.43 -26.97 10.53
C TYR C 212 -15.39 -26.00 11.10
N ILE C 213 -14.64 -26.44 12.09
CA ILE C 213 -13.62 -25.58 12.68
C ILE C 213 -12.70 -25.05 11.59
N SER C 214 -12.25 -25.94 10.70
CA SER C 214 -11.35 -25.56 9.64
C SER C 214 -11.88 -24.48 8.68
N THR C 215 -13.17 -24.17 8.76
CA THR C 215 -13.73 -23.15 7.87
C THR C 215 -13.29 -21.74 8.23
N PHE C 216 -13.05 -21.50 9.52
CA PHE C 216 -12.63 -20.17 9.96
C PHE C 216 -11.36 -20.19 10.80
N MET C 217 -11.03 -21.37 11.34
CA MET C 217 -9.86 -21.51 12.19
C MET C 217 -8.93 -22.66 11.76
N THR C 218 -7.68 -22.32 11.45
CA THR C 218 -6.71 -23.33 11.04
C THR C 218 -6.28 -24.19 12.22
N LEU C 219 -6.41 -25.51 12.07
CA LEU C 219 -6.00 -26.42 13.13
C LEU C 219 -4.56 -26.82 12.85
N GLU C 220 -3.69 -26.63 13.84
CA GLU C 220 -2.28 -26.96 13.72
C GLU C 220 -1.96 -28.39 14.13
N PRO C 221 -0.85 -28.93 13.60
CA PRO C 221 -0.47 -30.29 13.96
C PRO C 221 -0.35 -30.37 15.48
N LEU C 222 -0.93 -31.41 16.06
CA LEU C 222 -0.93 -31.67 17.49
C LEU C 222 -1.93 -30.85 18.30
N ASP C 223 -2.77 -30.06 17.62
CA ASP C 223 -3.81 -29.32 18.33
C ASP C 223 -4.78 -30.39 18.83
N VAL C 224 -5.54 -30.06 19.87
CA VAL C 224 -6.49 -31.01 20.44
C VAL C 224 -7.92 -30.52 20.28
N VAL C 225 -8.83 -31.43 19.97
CA VAL C 225 -10.24 -31.08 19.82
C VAL C 225 -11.10 -32.03 20.63
N LEU C 226 -11.94 -31.48 21.51
CA LEU C 226 -12.82 -32.29 22.35
C LEU C 226 -14.15 -32.47 21.63
N THR C 227 -14.68 -33.69 21.66
CA THR C 227 -15.92 -34.00 20.95
C THR C 227 -17.24 -33.96 21.73
N GLY C 228 -17.26 -33.34 22.91
CA GLY C 228 -18.50 -33.27 23.66
C GLY C 228 -18.62 -34.40 24.66
N THR C 229 -19.60 -34.31 25.56
CA THR C 229 -19.78 -35.32 26.59
C THR C 229 -21.21 -35.88 26.67
N PRO C 230 -21.35 -37.18 26.89
CA PRO C 230 -22.67 -37.81 26.99
C PRO C 230 -23.34 -37.43 28.31
N GLU C 231 -24.61 -37.81 28.46
CA GLU C 231 -25.34 -37.49 29.69
C GLU C 231 -24.68 -38.20 30.88
N GLY C 232 -24.83 -37.63 32.06
CA GLY C 232 -24.24 -38.22 33.25
C GLY C 232 -23.34 -37.25 33.99
N VAL C 233 -23.21 -36.03 33.46
CA VAL C 233 -22.37 -35.01 34.09
C VAL C 233 -22.81 -34.82 35.53
N GLY C 234 -21.84 -34.71 36.43
CA GLY C 234 -22.16 -34.54 37.83
C GLY C 234 -21.12 -33.73 38.56
N ALA C 235 -21.40 -33.40 39.82
CA ALA C 235 -20.51 -32.60 40.64
C ALA C 235 -19.33 -33.42 41.15
N LEU C 236 -18.26 -32.72 41.50
CA LEU C 236 -17.05 -33.33 42.03
C LEU C 236 -16.76 -32.75 43.39
N ARG C 237 -16.04 -33.49 44.21
CA ARG C 237 -15.66 -33.01 45.52
C ARG C 237 -14.21 -33.40 45.72
N PRO C 238 -13.46 -32.62 46.51
CA PRO C 238 -12.05 -32.92 46.74
C PRO C 238 -11.85 -34.39 47.08
N GLY C 239 -10.85 -35.01 46.45
CA GLY C 239 -10.56 -36.40 46.71
C GLY C 239 -11.16 -37.39 45.73
N ASP C 240 -12.19 -36.99 44.99
CA ASP C 240 -12.81 -37.90 44.03
C ASP C 240 -11.82 -38.45 43.01
N ARG C 241 -12.02 -39.72 42.64
CA ARG C 241 -11.17 -40.37 41.66
C ARG C 241 -11.98 -40.59 40.40
N LEU C 242 -11.45 -40.18 39.26
CA LEU C 242 -12.14 -40.33 38.00
C LEU C 242 -11.45 -41.32 37.09
N GLU C 243 -12.26 -42.07 36.37
CA GLU C 243 -11.76 -43.06 35.45
C GLU C 243 -12.61 -42.96 34.19
N VAL C 244 -11.98 -42.60 33.07
CA VAL C 244 -12.70 -42.48 31.82
C VAL C 244 -12.12 -43.50 30.84
N ALA C 245 -12.90 -44.54 30.56
CA ALA C 245 -12.48 -45.60 29.65
C ALA C 245 -13.14 -45.45 28.30
N VAL C 246 -12.33 -45.46 27.25
CA VAL C 246 -12.83 -45.35 25.89
C VAL C 246 -12.38 -46.58 25.13
N GLU C 247 -13.35 -47.40 24.73
CA GLU C 247 -13.06 -48.64 24.01
C GLU C 247 -12.15 -48.46 22.81
N GLY C 248 -11.08 -49.25 22.78
CA GLY C 248 -10.13 -49.17 21.68
C GLY C 248 -9.12 -48.04 21.78
N VAL C 249 -9.23 -47.23 22.83
CA VAL C 249 -8.31 -46.12 23.01
C VAL C 249 -7.46 -46.34 24.26
N GLY C 250 -8.10 -46.25 25.42
CA GLY C 250 -7.39 -46.42 26.66
C GLY C 250 -8.22 -45.90 27.81
N THR C 251 -7.65 -45.90 29.01
CA THR C 251 -8.35 -45.42 30.19
C THR C 251 -7.63 -44.26 30.86
N LEU C 252 -8.35 -43.15 30.99
CA LEU C 252 -7.79 -41.95 31.61
C LEU C 252 -8.07 -41.95 33.12
N PHE C 253 -7.01 -41.87 33.91
CA PHE C 253 -7.12 -41.85 35.36
C PHE C 253 -6.73 -40.46 35.87
N THR C 254 -7.59 -39.85 36.67
CA THR C 254 -7.31 -38.54 37.24
C THR C 254 -8.07 -38.38 38.56
N LEU C 255 -7.68 -37.40 39.35
CA LEU C 255 -8.34 -37.17 40.63
C LEU C 255 -8.35 -35.69 41.01
N ILE C 256 -9.29 -35.34 41.90
CA ILE C 256 -9.44 -33.97 42.36
C ILE C 256 -8.66 -33.76 43.66
N GLY C 257 -7.80 -32.74 43.66
CA GLY C 257 -7.00 -32.43 44.83
C GLY C 257 -7.76 -31.62 45.86
N PRO C 258 -7.10 -31.21 46.96
CA PRO C 258 -7.69 -30.42 48.05
C PRO C 258 -8.21 -29.07 47.59
N LYS C 259 -9.17 -28.53 48.34
CA LYS C 259 -9.73 -27.22 48.05
C LYS C 259 -8.63 -26.20 48.25
N GLU C 260 -8.49 -25.28 47.29
CA GLU C 260 -7.46 -24.25 47.36
C GLU C 260 -7.93 -23.13 48.30
N GLU C 261 -6.98 -22.45 48.93
CA GLU C 261 -7.29 -21.33 49.82
C GLU C 261 -7.19 -20.07 48.97
N ARG C 262 -7.45 -18.90 49.56
CA ARG C 262 -7.36 -17.64 48.82
C ARG C 262 -5.95 -17.53 48.25
N PRO C 263 -5.83 -16.96 47.03
CA PRO C 263 -4.53 -16.80 46.36
C PRO C 263 -3.48 -16.07 47.22
N TRP C 264 -3.95 -15.19 48.10
CA TRP C 264 -3.09 -14.42 49.00
C TRP C 264 -3.95 -13.54 49.89
N MET D 1 13.22 0.40 24.97
CA MET D 1 13.95 -0.36 23.92
C MET D 1 12.94 -1.09 23.03
N LYS D 2 13.17 -1.06 21.72
CA LYS D 2 12.30 -1.71 20.75
C LYS D 2 12.75 -3.12 20.41
N ILE D 3 11.92 -4.11 20.72
CA ILE D 3 12.23 -5.51 20.46
C ILE D 3 11.31 -6.03 19.35
N LEU D 4 11.88 -6.65 18.33
CA LEU D 4 11.06 -7.18 17.26
C LEU D 4 11.41 -8.59 16.83
N ARG D 5 10.44 -9.22 16.16
CA ARG D 5 10.60 -10.56 15.59
C ARG D 5 10.50 -10.32 14.10
N PHE D 6 11.33 -11.00 13.31
CA PHE D 6 11.31 -10.80 11.88
C PHE D 6 11.88 -11.98 11.11
N ASN D 7 11.67 -11.96 9.80
CA ASN D 7 12.14 -13.01 8.90
C ASN D 7 11.83 -14.41 9.42
N GLU D 8 12.84 -15.27 9.54
CA GLU D 8 12.58 -16.63 9.99
C GLU D 8 12.47 -16.76 11.50
N GLY D 9 11.57 -15.99 12.10
CA GLY D 9 11.38 -16.03 13.53
C GLY D 9 12.59 -15.53 14.32
N ARG D 10 13.36 -14.61 13.73
CA ARG D 10 14.53 -14.06 14.40
C ARG D 10 14.10 -12.93 15.34
N TRP D 11 14.93 -12.65 16.34
CA TRP D 11 14.65 -11.57 17.28
C TRP D 11 15.68 -10.47 17.05
N GLY D 12 15.32 -9.26 17.43
CA GLY D 12 16.23 -8.15 17.26
C GLY D 12 15.82 -6.93 18.04
N VAL D 13 16.70 -5.94 18.06
CA VAL D 13 16.44 -4.69 18.75
C VAL D 13 16.57 -3.61 17.70
N LEU D 14 15.68 -2.63 17.73
CA LEU D 14 15.75 -1.55 16.74
C LEU D 14 16.70 -0.45 17.18
N GLU D 15 17.56 -0.02 16.26
CA GLU D 15 18.52 1.04 16.52
C GLU D 15 18.41 1.98 15.33
N GLY D 16 17.50 2.94 15.41
CA GLY D 16 17.30 3.87 14.31
C GLY D 16 16.61 3.12 13.18
N GLU D 17 17.35 2.87 12.09
CA GLU D 17 16.81 2.14 10.96
C GLU D 17 17.42 0.75 10.91
N LEU D 18 18.34 0.49 11.84
CA LEU D 18 19.03 -0.80 11.88
C LEU D 18 18.43 -1.78 12.88
N VAL D 19 18.30 -3.02 12.44
CA VAL D 19 17.78 -4.09 13.28
C VAL D 19 18.98 -4.96 13.67
N LEU D 20 19.28 -4.98 14.95
CA LEU D 20 20.40 -5.76 15.47
C LEU D 20 19.85 -7.07 15.99
N GLU D 21 20.19 -8.18 15.33
CA GLU D 21 19.70 -9.48 15.74
C GLU D 21 20.25 -9.94 17.09
N THR D 22 19.38 -10.52 17.89
CA THR D 22 19.76 -11.00 19.21
C THR D 22 19.36 -12.46 19.38
N ASP D 23 19.94 -13.10 20.38
CA ASP D 23 19.65 -14.49 20.68
C ASP D 23 18.52 -14.47 21.70
N GLY D 24 17.29 -14.54 21.20
CA GLY D 24 16.13 -14.47 22.08
C GLY D 24 15.70 -13.02 22.23
N PRO D 25 14.51 -12.75 22.79
CA PRO D 25 14.00 -11.38 22.98
C PRO D 25 14.91 -10.59 23.91
N GLY D 26 15.50 -9.51 23.40
CA GLY D 26 16.37 -8.70 24.22
C GLY D 26 17.64 -9.41 24.68
N GLY D 27 18.01 -10.49 23.99
CA GLY D 27 19.20 -11.24 24.36
C GLY D 27 20.47 -10.69 23.75
N ASN D 28 21.57 -11.46 23.85
CA ASN D 28 22.87 -11.04 23.32
C ASN D 28 22.84 -10.91 21.80
N PRO D 29 23.62 -9.94 21.26
CA PRO D 29 23.68 -9.74 19.81
C PRO D 29 24.38 -10.94 19.16
N THR D 30 23.95 -11.31 17.96
CA THR D 30 24.54 -12.43 17.24
C THR D 30 25.63 -11.90 16.32
N GLY D 31 25.58 -10.59 16.05
CA GLY D 31 26.54 -9.98 15.17
C GLY D 31 25.91 -9.58 13.85
N ARG D 32 24.80 -10.22 13.51
CA ARG D 32 24.12 -9.91 12.25
C ARG D 32 23.23 -8.68 12.40
N ARG D 33 23.10 -7.92 11.31
CA ARG D 33 22.27 -6.73 11.29
C ARG D 33 21.50 -6.64 9.98
N TYR D 34 20.38 -5.93 10.00
CA TYR D 34 19.56 -5.75 8.80
C TYR D 34 18.93 -4.38 8.84
N ASP D 35 18.56 -3.87 7.66
CA ASP D 35 17.90 -2.58 7.58
C ASP D 35 16.41 -2.86 7.75
N LEU D 36 15.75 -2.07 8.58
CA LEU D 36 14.33 -2.26 8.87
C LEU D 36 13.43 -2.43 7.66
N ALA D 37 13.56 -1.56 6.66
CA ALA D 37 12.71 -1.63 5.48
C ALA D 37 12.83 -2.94 4.69
N SER D 38 13.91 -3.67 4.87
CA SER D 38 14.07 -4.92 4.13
C SER D 38 13.73 -6.20 4.88
N VAL D 39 13.38 -6.12 6.17
CA VAL D 39 13.02 -7.36 6.87
C VAL D 39 11.50 -7.54 6.85
N THR D 40 11.05 -8.77 7.01
CA THR D 40 9.62 -9.05 7.05
C THR D 40 9.25 -9.09 8.54
N LEU D 41 8.53 -8.08 8.97
CA LEU D 41 8.13 -7.97 10.37
C LEU D 41 7.10 -9.01 10.77
N LEU D 42 7.23 -9.54 11.98
CA LEU D 42 6.31 -10.55 12.50
C LEU D 42 5.73 -10.09 13.83
N PRO D 43 4.67 -10.73 14.31
CA PRO D 43 4.10 -10.32 15.59
C PRO D 43 5.25 -10.50 16.59
N PRO D 44 5.44 -9.55 17.51
CA PRO D 44 6.53 -9.65 18.48
C PRO D 44 6.32 -10.61 19.66
N ALA D 45 5.86 -11.82 19.36
CA ALA D 45 5.63 -12.82 20.40
C ALA D 45 5.28 -14.16 19.76
N THR D 46 5.34 -15.22 20.58
CA THR D 46 5.00 -16.58 20.14
C THR D 46 4.27 -17.15 21.34
N PRO D 47 3.04 -16.67 21.59
CA PRO D 47 2.18 -17.08 22.71
C PRO D 47 1.62 -18.49 22.71
N THR D 48 1.42 -19.04 23.90
CA THR D 48 0.83 -20.36 24.02
C THR D 48 -0.67 -20.09 24.06
N LYS D 49 -1.02 -18.84 24.37
CA LYS D 49 -2.40 -18.42 24.44
C LYS D 49 -2.50 -16.90 24.47
N ILE D 50 -3.67 -16.37 24.15
CA ILE D 50 -3.90 -14.95 24.13
C ILE D 50 -5.13 -14.65 24.99
N VAL D 51 -4.93 -13.91 26.07
CA VAL D 51 -6.03 -13.57 26.97
C VAL D 51 -6.42 -12.12 26.77
N CYS D 52 -7.70 -11.90 26.53
CA CYS D 52 -8.20 -10.56 26.28
C CYS D 52 -9.24 -10.05 27.25
N VAL D 53 -9.12 -8.77 27.59
CA VAL D 53 -10.06 -8.14 28.49
C VAL D 53 -11.09 -7.42 27.61
N GLY D 54 -12.36 -7.53 27.98
CA GLY D 54 -13.39 -6.88 27.20
C GLY D 54 -13.98 -5.77 28.05
N ARG D 55 -14.27 -4.63 27.45
CA ARG D 55 -14.85 -3.50 28.16
C ARG D 55 -13.99 -3.11 29.36
N ASN D 56 -13.01 -2.24 29.14
CA ASN D 56 -12.13 -1.85 30.24
C ASN D 56 -11.95 -0.34 30.34
N TYR D 57 -12.78 0.40 29.61
CA TYR D 57 -12.72 1.86 29.63
C TYR D 57 -14.08 2.47 29.96
N GLU D 75 -12.53 -7.76 39.04
CA GLU D 75 -12.27 -8.80 38.04
C GLU D 75 -12.75 -8.40 36.65
N PRO D 76 -11.84 -8.45 35.66
CA PRO D 76 -12.14 -8.10 34.27
C PRO D 76 -12.88 -9.21 33.50
N GLY D 77 -13.66 -8.82 32.49
CA GLY D 77 -14.38 -9.80 31.68
C GLY D 77 -13.38 -10.34 30.67
N LEU D 78 -13.07 -11.62 30.75
CA LEU D 78 -12.07 -12.21 29.87
C LEU D 78 -12.58 -13.09 28.74
N PHE D 79 -11.80 -13.15 27.66
CA PHE D 79 -12.10 -14.04 26.54
C PHE D 79 -10.76 -14.45 25.93
N LEU D 80 -10.76 -15.54 25.19
CA LEU D 80 -9.53 -16.05 24.59
C LEU D 80 -9.50 -15.98 23.07
N LYS D 81 -8.28 -15.93 22.54
CA LYS D 81 -8.01 -15.94 21.10
C LYS D 81 -6.93 -17.00 20.92
N GLY D 82 -7.02 -17.77 19.85
CA GLY D 82 -6.02 -18.78 19.58
C GLY D 82 -4.87 -18.13 18.84
N PRO D 83 -3.67 -18.72 18.85
CA PRO D 83 -2.53 -18.12 18.16
C PRO D 83 -2.78 -18.01 16.66
N ASN D 84 -3.75 -18.78 16.16
CA ASN D 84 -4.08 -18.73 14.74
C ASN D 84 -4.56 -17.32 14.36
N ALA D 85 -5.05 -16.58 15.35
CA ALA D 85 -5.55 -15.23 15.11
C ALA D 85 -4.47 -14.22 14.76
N LEU D 86 -3.23 -14.51 15.13
CA LEU D 86 -2.13 -13.58 14.87
C LEU D 86 -1.93 -13.27 13.39
N ALA D 87 -1.71 -11.99 13.10
CA ALA D 87 -1.48 -11.56 11.72
C ALA D 87 -0.29 -10.61 11.72
N ARG D 88 0.55 -10.70 10.69
CA ARG D 88 1.74 -9.86 10.58
C ARG D 88 1.42 -8.38 10.50
N PRO D 89 2.17 -7.55 11.24
CA PRO D 89 1.97 -6.10 11.24
C PRO D 89 2.62 -5.52 9.99
N GLY D 90 2.18 -4.36 9.57
CA GLY D 90 2.81 -3.76 8.42
C GLY D 90 4.15 -3.17 8.83
N ASN D 91 5.14 -3.30 7.96
CA ASN D 91 6.45 -2.73 8.25
C ASN D 91 6.24 -1.21 8.22
N PRO D 92 6.60 -0.52 9.30
CA PRO D 92 6.43 0.94 9.37
C PRO D 92 7.01 1.73 8.20
N ARG D 93 7.93 1.13 7.44
CA ARG D 93 8.53 1.83 6.31
C ARG D 93 7.87 1.55 4.95
N ASP D 94 6.89 0.65 4.94
CA ASP D 94 6.13 0.28 3.74
C ASP D 94 4.95 -0.56 4.26
N PRO D 95 4.08 0.07 5.05
CA PRO D 95 2.90 -0.53 5.67
C PRO D 95 1.87 -1.28 4.82
N TRP D 96 1.40 -0.64 3.77
CA TRP D 96 0.38 -1.24 2.91
C TRP D 96 0.81 -2.44 2.09
N GLY D 97 2.04 -2.43 1.60
CA GLY D 97 2.52 -3.55 0.81
C GLY D 97 3.08 -4.71 1.60
N THR D 98 3.09 -4.62 2.93
CA THR D 98 3.63 -5.70 3.73
C THR D 98 2.68 -6.27 4.78
N ALA D 99 1.77 -5.44 5.27
CA ALA D 99 0.83 -5.90 6.28
C ALA D 99 0.05 -7.11 5.77
N GLU D 100 -0.17 -8.10 6.63
CA GLU D 100 -0.91 -9.29 6.26
C GLU D 100 -2.38 -8.94 6.39
N PRO D 101 -3.13 -8.99 5.27
CA PRO D 101 -4.56 -8.65 5.25
C PRO D 101 -5.45 -9.54 6.10
N VAL D 102 -6.46 -8.92 6.72
CA VAL D 102 -7.43 -9.65 7.51
C VAL D 102 -8.59 -9.92 6.55
N PRO D 103 -8.70 -11.15 6.02
CA PRO D 103 -9.78 -11.51 5.10
C PRO D 103 -11.16 -11.29 5.70
N TYR D 104 -11.99 -10.50 5.01
CA TYR D 104 -13.34 -10.27 5.50
C TYR D 104 -14.03 -11.63 5.41
N PRO D 105 -14.32 -12.24 6.56
CA PRO D 105 -14.97 -13.56 6.64
C PRO D 105 -16.26 -13.71 5.86
N PHE D 106 -16.54 -14.93 5.43
CA PHE D 106 -17.74 -15.24 4.68
C PHE D 106 -18.90 -15.50 5.63
N PHE D 107 -18.58 -15.78 6.89
CA PHE D 107 -19.60 -16.08 7.89
C PHE D 107 -20.16 -14.88 8.63
N THR D 108 -19.66 -13.68 8.31
CA THR D 108 -20.15 -12.49 8.98
C THR D 108 -20.43 -11.36 8.00
N GLU D 109 -21.06 -10.30 8.50
CA GLU D 109 -21.39 -9.13 7.71
C GLU D 109 -21.33 -7.92 8.64
N GLU D 110 -20.87 -8.18 9.86
CA GLU D 110 -20.75 -7.14 10.87
C GLU D 110 -19.38 -7.26 11.51
N LEU D 111 -18.34 -6.88 10.77
CA LEU D 111 -16.98 -6.96 11.26
C LEU D 111 -16.55 -5.65 11.92
N HIS D 112 -16.07 -5.76 13.16
CA HIS D 112 -15.63 -4.59 13.92
C HIS D 112 -14.13 -4.58 14.23
N TYR D 113 -13.59 -3.38 14.42
CA TYR D 113 -12.19 -3.19 14.75
C TYR D 113 -12.14 -2.61 16.15
N GLU D 114 -11.01 -2.80 16.83
CA GLU D 114 -10.80 -2.31 18.17
C GLU D 114 -9.30 -2.15 18.41
N GLY D 115 -8.83 -0.90 18.52
CA GLY D 115 -7.41 -0.65 18.75
C GLY D 115 -7.10 -0.85 20.22
N GLU D 116 -6.01 -1.55 20.53
CA GLU D 116 -5.68 -1.82 21.93
C GLU D 116 -4.20 -1.89 22.29
N LEU D 117 -3.91 -1.62 23.56
CA LEU D 117 -2.54 -1.73 24.05
C LEU D 117 -2.41 -3.22 24.39
N ALA D 118 -1.34 -3.85 23.92
CA ALA D 118 -1.10 -5.27 24.19
C ALA D 118 0.10 -5.48 25.10
N VAL D 119 0.03 -6.53 25.91
CA VAL D 119 1.10 -6.84 26.83
C VAL D 119 1.70 -8.21 26.51
N VAL D 120 3.03 -8.27 26.43
CA VAL D 120 3.72 -9.53 26.17
C VAL D 120 4.40 -9.93 27.49
N VAL D 121 3.96 -11.04 28.05
CA VAL D 121 4.51 -11.54 29.30
C VAL D 121 5.97 -11.95 29.14
N GLY D 122 6.77 -11.65 30.15
CA GLY D 122 8.19 -11.99 30.09
C GLY D 122 8.51 -13.21 30.93
N ASP D 123 8.02 -13.23 32.17
CA ASP D 123 8.25 -14.34 33.09
C ASP D 123 6.94 -15.02 33.47
N ARG D 124 7.00 -16.34 33.70
CA ARG D 124 5.82 -17.11 34.08
C ARG D 124 5.09 -16.43 35.24
N MET D 125 3.77 -16.38 35.15
CA MET D 125 2.96 -15.75 36.18
C MET D 125 1.86 -16.63 36.76
N ARG D 126 1.99 -16.94 38.05
CA ARG D 126 1.01 -17.76 38.76
C ARG D 126 0.88 -17.17 40.16
N HIS D 127 -0.33 -16.73 40.52
CA HIS D 127 -0.59 -16.14 41.83
C HIS D 127 0.36 -14.98 42.10
N VAL D 128 0.40 -14.03 41.17
CA VAL D 128 1.27 -12.87 41.31
C VAL D 128 0.40 -11.71 41.77
N PRO D 129 0.77 -11.06 42.88
CA PRO D 129 -0.01 -9.93 43.38
C PRO D 129 0.18 -8.74 42.44
N PRO D 130 -0.81 -7.83 42.39
CA PRO D 130 -0.68 -6.69 41.50
C PRO D 130 0.61 -5.87 41.58
N GLU D 131 1.12 -5.62 42.79
CA GLU D 131 2.34 -4.83 42.94
C GLU D 131 3.60 -5.47 42.37
N LYS D 132 3.54 -6.74 42.00
CA LYS D 132 4.71 -7.41 41.42
C LYS D 132 4.46 -7.80 39.97
N ALA D 133 3.25 -7.53 39.49
CA ALA D 133 2.86 -7.90 38.13
C ALA D 133 3.69 -7.32 36.99
N LEU D 134 3.88 -6.01 36.96
CA LEU D 134 4.63 -5.38 35.88
C LEU D 134 6.07 -5.85 35.73
N ASP D 135 6.62 -6.40 36.81
CA ASP D 135 7.98 -6.90 36.77
C ASP D 135 8.08 -8.16 35.92
N HIS D 136 6.94 -8.79 35.64
CA HIS D 136 6.93 -10.00 34.82
C HIS D 136 6.68 -9.69 33.35
N VAL D 137 6.48 -8.42 33.04
CA VAL D 137 6.21 -7.97 31.68
C VAL D 137 7.46 -7.77 30.84
N LEU D 138 7.49 -8.38 29.65
CA LEU D 138 8.64 -8.21 28.77
C LEU D 138 8.54 -6.82 28.11
N GLY D 139 7.34 -6.49 27.65
CA GLY D 139 7.15 -5.21 27.01
C GLY D 139 5.74 -5.01 26.50
N TYR D 140 5.49 -3.88 25.86
CA TYR D 140 4.16 -3.58 25.34
C TYR D 140 4.15 -3.37 23.84
N THR D 141 3.07 -3.78 23.20
CA THR D 141 2.94 -3.62 21.76
C THR D 141 1.51 -3.20 21.42
N VAL D 142 1.17 -3.15 20.14
CA VAL D 142 -0.16 -2.73 19.73
C VAL D 142 -0.95 -3.85 19.10
N ALA D 143 -2.27 -3.77 19.23
CA ALA D 143 -3.13 -4.79 18.67
C ALA D 143 -4.45 -4.28 18.14
N VAL D 144 -4.99 -5.02 17.17
CA VAL D 144 -6.29 -4.72 16.62
C VAL D 144 -7.11 -5.97 16.93
N ASP D 145 -8.11 -5.81 17.79
CA ASP D 145 -8.97 -6.92 18.16
C ASP D 145 -10.13 -6.98 17.17
N ILE D 146 -9.96 -7.77 16.10
CA ILE D 146 -11.00 -7.91 15.09
C ILE D 146 -12.16 -8.71 15.66
N THR D 147 -13.37 -8.18 15.50
CA THR D 147 -14.56 -8.82 16.03
C THR D 147 -15.71 -8.97 15.05
N ALA D 148 -16.24 -10.19 14.93
CA ALA D 148 -17.39 -10.46 14.07
C ALA D 148 -18.60 -10.39 15.02
N ARG D 149 -19.18 -9.20 15.11
CA ARG D 149 -20.30 -8.91 16.00
C ARG D 149 -21.56 -9.78 15.87
N ASP D 150 -21.94 -10.14 14.66
CA ASP D 150 -23.15 -10.94 14.49
C ASP D 150 -23.05 -12.34 15.10
N VAL D 151 -22.01 -13.09 14.74
CA VAL D 151 -21.86 -14.43 15.29
C VAL D 151 -21.57 -14.34 16.79
N GLN D 152 -20.99 -13.21 17.21
CA GLN D 152 -20.66 -13.01 18.62
C GLN D 152 -21.93 -13.08 19.47
N LYS D 153 -23.06 -12.78 18.86
CA LYS D 153 -24.33 -12.80 19.57
C LYS D 153 -25.06 -14.14 19.53
N LYS D 154 -24.88 -14.90 18.45
CA LYS D 154 -25.57 -16.19 18.33
C LYS D 154 -24.81 -17.45 18.75
N ASP D 155 -23.49 -17.43 18.62
CA ASP D 155 -22.67 -18.60 18.97
C ASP D 155 -22.63 -18.91 20.46
N LEU D 156 -22.23 -20.13 20.79
CA LEU D 156 -22.14 -20.57 22.19
C LEU D 156 -21.10 -19.70 22.91
N GLN D 157 -19.96 -19.49 22.26
CA GLN D 157 -18.88 -18.67 22.82
C GLN D 157 -18.24 -17.91 21.67
N TRP D 158 -17.45 -16.90 21.99
CA TRP D 158 -16.83 -16.07 20.96
C TRP D 158 -15.67 -16.66 20.18
N VAL D 159 -15.71 -17.96 19.91
CA VAL D 159 -14.64 -18.60 19.16
C VAL D 159 -14.46 -18.03 17.76
N ARG D 160 -15.48 -18.09 16.90
CA ARG D 160 -15.27 -17.51 15.58
C ARG D 160 -15.47 -16.01 15.55
N ALA D 161 -16.11 -15.45 16.57
CA ALA D 161 -16.32 -14.01 16.65
C ALA D 161 -15.01 -13.28 16.93
N LYS D 162 -14.15 -13.87 17.75
CA LYS D 162 -12.89 -13.26 18.14
C LYS D 162 -11.62 -14.04 17.78
N SER D 163 -11.74 -15.35 17.56
CA SER D 163 -10.56 -16.16 17.28
C SER D 163 -10.42 -16.78 15.89
N ALA D 164 -11.03 -16.18 14.88
CA ALA D 164 -10.91 -16.70 13.53
C ALA D 164 -9.51 -16.33 13.03
N ASP D 165 -9.01 -17.03 12.03
CA ASP D 165 -7.69 -16.73 11.49
C ASP D 165 -7.52 -15.23 11.22
N LYS D 166 -6.32 -14.73 11.50
CA LYS D 166 -5.94 -13.34 11.30
C LYS D 166 -6.77 -12.30 12.06
N PHE D 167 -7.53 -12.72 13.06
CA PHE D 167 -8.32 -11.77 13.82
C PHE D 167 -7.52 -11.00 14.87
N LEU D 168 -6.19 -11.10 14.81
CA LEU D 168 -5.36 -10.36 15.75
C LEU D 168 -4.07 -9.80 15.17
N PRO D 169 -4.17 -8.72 14.37
CA PRO D 169 -2.95 -8.12 13.83
C PRO D 169 -2.21 -7.64 15.08
N LEU D 170 -0.91 -7.90 15.16
CA LEU D 170 -0.16 -7.52 16.36
C LEU D 170 1.23 -7.01 16.02
N GLY D 171 1.61 -5.87 16.59
CA GLY D 171 2.91 -5.31 16.31
C GLY D 171 2.94 -3.80 16.46
N PRO D 172 3.90 -3.11 15.83
CA PRO D 172 4.96 -3.66 14.98
C PRO D 172 6.12 -4.25 15.75
N TRP D 173 6.20 -3.94 17.04
CA TRP D 173 7.24 -4.40 17.93
C TRP D 173 6.83 -4.11 19.37
N LEU D 174 7.64 -4.62 20.32
CA LEU D 174 7.30 -4.29 21.70
C LEU D 174 8.29 -3.28 22.28
N GLU D 175 7.75 -2.43 23.15
CA GLU D 175 8.59 -1.49 23.87
C GLU D 175 8.78 -1.99 25.30
N THR D 176 10.02 -2.09 25.76
CA THR D 176 10.30 -2.62 27.09
C THR D 176 10.12 -1.62 28.22
N ASP D 177 10.31 -0.35 27.91
CA ASP D 177 10.21 0.72 28.91
C ASP D 177 9.00 1.61 28.71
N LEU D 178 7.99 1.47 29.57
CA LEU D 178 6.77 2.26 29.45
C LEU D 178 5.94 2.24 30.73
N ASN D 179 5.11 3.26 30.91
CA ASN D 179 4.20 3.33 32.05
C ASN D 179 2.87 3.04 31.37
N PRO D 180 2.41 1.79 31.42
CA PRO D 180 1.16 1.39 30.79
C PRO D 180 -0.10 2.15 31.18
N GLN D 181 -0.10 2.78 32.35
CA GLN D 181 -1.28 3.50 32.76
C GLN D 181 -1.22 4.97 32.37
N ASP D 182 -0.22 5.35 31.59
CA ASP D 182 -0.12 6.74 31.18
C ASP D 182 0.34 6.93 29.74
N THR D 183 -0.44 6.39 28.81
CA THR D 183 -0.12 6.52 27.39
C THR D 183 -1.44 6.65 26.63
N TRP D 184 -1.38 7.07 25.38
CA TRP D 184 -2.59 7.23 24.58
C TRP D 184 -2.66 6.25 23.42
N VAL D 185 -3.86 5.75 23.16
CA VAL D 185 -4.11 4.82 22.07
C VAL D 185 -5.05 5.49 21.06
N ARG D 186 -4.64 5.53 19.80
CA ARG D 186 -5.47 6.16 18.78
C ARG D 186 -5.58 5.28 17.55
N THR D 187 -6.80 5.12 17.04
CA THR D 187 -7.04 4.30 15.85
C THR D 187 -7.52 5.15 14.69
N TYR D 188 -6.72 5.26 13.64
CA TYR D 188 -7.13 6.03 12.48
C TYR D 188 -7.52 5.09 11.37
N VAL D 189 -8.65 5.37 10.74
CA VAL D 189 -9.11 4.56 9.62
C VAL D 189 -9.18 5.50 8.41
N ASN D 190 -8.47 5.13 7.35
CA ASN D 190 -8.45 5.92 6.13
C ASN D 190 -8.13 7.40 6.37
N GLY D 191 -7.06 7.63 7.12
CA GLY D 191 -6.62 8.99 7.41
C GLY D 191 -7.43 9.78 8.42
N THR D 192 -8.43 9.16 9.03
CA THR D 192 -9.25 9.86 10.01
C THR D 192 -9.36 9.14 11.35
N LEU D 193 -9.07 9.88 12.41
CA LEU D 193 -9.12 9.36 13.78
C LEU D 193 -10.51 8.81 14.08
N ARG D 194 -10.56 7.60 14.64
CA ARG D 194 -11.83 6.95 14.99
C ARG D 194 -11.92 6.57 16.48
N GLN D 195 -10.77 6.37 17.11
CA GLN D 195 -10.71 6.03 18.53
C GLN D 195 -9.53 6.75 19.18
N GLU D 196 -9.72 7.11 20.45
CA GLU D 196 -8.67 7.78 21.21
C GLU D 196 -8.97 7.59 22.69
N GLY D 197 -8.00 7.06 23.43
CA GLY D 197 -8.19 6.84 24.85
C GLY D 197 -6.90 6.97 25.63
N HIS D 198 -7.02 7.42 26.87
CA HIS D 198 -5.87 7.57 27.74
C HIS D 198 -5.91 6.35 28.66
N THR D 199 -4.88 5.51 28.61
CA THR D 199 -4.85 4.29 29.41
C THR D 199 -5.07 4.49 30.90
N SER D 200 -4.92 5.71 31.38
CA SER D 200 -5.12 5.99 32.80
C SER D 200 -6.59 5.81 33.13
N GLN D 201 -7.41 5.64 32.10
CA GLN D 201 -8.84 5.48 32.28
C GLN D 201 -9.29 4.02 32.29
N MET D 202 -8.33 3.10 32.34
CA MET D 202 -8.65 1.68 32.36
C MET D 202 -9.38 1.39 33.67
N ILE D 203 -10.44 0.59 33.60
CA ILE D 203 -11.17 0.25 34.82
C ILE D 203 -10.23 -0.59 35.67
N PHE D 204 -9.49 -1.49 35.02
CA PHE D 204 -8.51 -2.35 35.67
C PHE D 204 -7.16 -2.11 35.00
N SER D 205 -6.14 -1.79 35.80
CA SER D 205 -4.81 -1.54 35.25
C SER D 205 -4.19 -2.82 34.71
N VAL D 206 -3.13 -2.67 33.92
CA VAL D 206 -2.45 -3.83 33.37
C VAL D 206 -2.01 -4.71 34.54
N ALA D 207 -1.46 -4.08 35.57
CA ALA D 207 -1.00 -4.82 36.74
C ALA D 207 -2.12 -5.66 37.36
N GLU D 208 -3.31 -5.06 37.53
CA GLU D 208 -4.44 -5.77 38.12
C GLU D 208 -4.96 -6.88 37.22
N ILE D 209 -4.88 -6.65 35.91
CA ILE D 209 -5.33 -7.63 34.93
C ILE D 209 -4.47 -8.89 34.97
N LEU D 210 -3.15 -8.73 34.88
CA LEU D 210 -2.24 -9.88 34.91
C LEU D 210 -2.36 -10.64 36.23
N SER D 211 -2.41 -9.89 37.33
CA SER D 211 -2.56 -10.47 38.66
C SER D 211 -3.82 -11.31 38.72
N TYR D 212 -4.95 -10.73 38.28
CA TYR D 212 -6.22 -11.44 38.29
C TYR D 212 -6.13 -12.74 37.50
N ILE D 213 -5.62 -12.66 36.27
CA ILE D 213 -5.51 -13.84 35.44
C ILE D 213 -4.69 -14.92 36.15
N SER D 214 -3.56 -14.50 36.74
CA SER D 214 -2.66 -15.43 37.42
C SER D 214 -3.25 -16.17 38.61
N THR D 215 -4.41 -15.74 39.09
CA THR D 215 -5.01 -16.40 40.25
C THR D 215 -5.63 -17.75 39.88
N PHE D 216 -5.86 -17.98 38.59
CA PHE D 216 -6.46 -19.25 38.18
C PHE D 216 -5.83 -19.79 36.90
N MET D 217 -5.14 -18.92 36.17
CA MET D 217 -4.53 -19.30 34.91
C MET D 217 -3.08 -18.84 34.84
N THR D 218 -2.16 -19.80 34.71
CA THR D 218 -0.74 -19.47 34.62
C THR D 218 -0.41 -18.86 33.27
N LEU D 219 0.19 -17.67 33.29
CA LEU D 219 0.59 -17.02 32.05
C LEU D 219 2.03 -17.42 31.80
N GLU D 220 2.28 -17.87 30.57
CA GLU D 220 3.59 -18.33 30.14
C GLU D 220 4.41 -17.25 29.47
N PRO D 221 5.75 -17.39 29.47
CA PRO D 221 6.60 -16.39 28.83
C PRO D 221 6.10 -16.24 27.40
N LEU D 222 6.03 -14.99 26.94
CA LEU D 222 5.57 -14.65 25.60
C LEU D 222 4.06 -14.77 25.31
N ASP D 223 3.26 -15.10 26.33
CA ASP D 223 1.81 -15.12 26.13
C ASP D 223 1.44 -13.65 25.90
N VAL D 224 0.27 -13.41 25.31
CA VAL D 224 -0.15 -12.04 25.04
C VAL D 224 -1.44 -11.72 25.78
N VAL D 225 -1.53 -10.51 26.31
CA VAL D 225 -2.73 -10.09 27.04
C VAL D 225 -3.22 -8.74 26.47
N LEU D 226 -4.47 -8.70 26.02
CA LEU D 226 -5.06 -7.47 25.48
C LEU D 226 -5.74 -6.75 26.65
N THR D 227 -5.55 -5.44 26.74
CA THR D 227 -6.10 -4.66 27.83
C THR D 227 -7.44 -3.94 27.65
N GLY D 228 -8.13 -4.18 26.55
CA GLY D 228 -9.41 -3.52 26.33
C GLY D 228 -9.35 -2.41 25.29
N THR D 229 -10.51 -1.97 24.82
CA THR D 229 -10.55 -0.92 23.80
C THR D 229 -11.37 0.30 24.17
N PRO D 230 -10.94 1.49 23.70
CA PRO D 230 -11.64 2.76 23.97
C PRO D 230 -12.87 2.74 23.06
N GLU D 231 -13.83 3.62 23.28
CA GLU D 231 -14.98 3.59 22.39
C GLU D 231 -14.70 4.25 21.06
N GLY D 232 -15.55 3.95 20.08
CA GLY D 232 -15.39 4.47 18.74
C GLY D 232 -15.33 3.26 17.84
N VAL D 233 -15.65 2.11 18.42
CA VAL D 233 -15.64 0.84 17.72
C VAL D 233 -16.59 0.90 16.53
N GLY D 234 -16.04 1.13 15.35
CA GLY D 234 -16.85 1.21 14.16
C GLY D 234 -16.81 -0.08 13.36
N ALA D 235 -17.61 -0.13 12.31
CA ALA D 235 -17.67 -1.31 11.45
C ALA D 235 -16.56 -1.24 10.42
N LEU D 236 -16.24 -2.39 9.83
CA LEU D 236 -15.20 -2.48 8.81
C LEU D 236 -15.78 -2.92 7.49
N ARG D 237 -15.09 -2.57 6.42
CA ARG D 237 -15.49 -2.94 5.08
C ARG D 237 -14.23 -3.40 4.36
N PRO D 238 -14.37 -4.34 3.41
CA PRO D 238 -13.20 -4.82 2.68
C PRO D 238 -12.42 -3.65 2.10
N GLY D 239 -11.09 -3.71 2.20
CA GLY D 239 -10.25 -2.66 1.66
C GLY D 239 -9.89 -1.56 2.64
N ASP D 240 -10.52 -1.55 3.81
CA ASP D 240 -10.24 -0.52 4.82
C ASP D 240 -8.81 -0.63 5.35
N ARG D 241 -8.18 0.52 5.58
CA ARG D 241 -6.81 0.58 6.10
C ARG D 241 -6.79 1.12 7.52
N LEU D 242 -6.31 0.30 8.45
CA LEU D 242 -6.23 0.67 9.86
C LEU D 242 -4.85 1.09 10.32
N GLU D 243 -4.83 2.02 11.26
CA GLU D 243 -3.59 2.51 11.82
C GLU D 243 -3.82 2.78 13.31
N VAL D 244 -3.19 1.98 14.16
CA VAL D 244 -3.34 2.15 15.60
C VAL D 244 -2.00 2.61 16.16
N ALA D 245 -1.97 3.86 16.61
CA ALA D 245 -0.76 4.43 17.17
C ALA D 245 -0.85 4.52 18.68
N VAL D 246 0.18 4.04 19.36
CA VAL D 246 0.22 4.09 20.81
C VAL D 246 1.50 4.80 21.20
N GLU D 247 1.34 5.92 21.90
CA GLU D 247 2.46 6.74 22.33
C GLU D 247 3.56 6.02 23.10
N GLY D 248 4.79 6.20 22.65
CA GLY D 248 5.91 5.57 23.30
C GLY D 248 6.11 4.11 22.93
N VAL D 249 5.17 3.54 22.18
CA VAL D 249 5.27 2.14 21.77
C VAL D 249 5.52 2.03 20.27
N GLY D 250 4.53 2.41 19.47
CA GLY D 250 4.70 2.35 18.03
C GLY D 250 3.37 2.41 17.30
N THR D 251 3.39 2.19 16.01
CA THR D 251 2.18 2.23 15.20
C THR D 251 1.93 0.93 14.46
N LEU D 252 0.75 0.35 14.69
CA LEU D 252 0.36 -0.88 14.05
C LEU D 252 -0.40 -0.60 12.76
N PHE D 253 0.10 -1.11 11.64
CA PHE D 253 -0.55 -0.92 10.35
C PHE D 253 -1.11 -2.25 9.87
N THR D 254 -2.39 -2.26 9.50
CA THR D 254 -3.01 -3.46 8.97
C THR D 254 -4.15 -3.07 8.03
N LEU D 255 -4.73 -4.03 7.34
CA LEU D 255 -5.83 -3.74 6.42
C LEU D 255 -6.76 -4.92 6.27
N ILE D 256 -7.97 -4.64 5.82
CA ILE D 256 -8.98 -5.67 5.61
C ILE D 256 -8.92 -6.14 4.16
N GLY D 257 -8.93 -7.45 3.96
CA GLY D 257 -8.88 -7.98 2.61
C GLY D 257 -10.24 -8.15 1.97
N PRO D 258 -10.29 -8.68 0.75
CA PRO D 258 -11.56 -8.88 0.03
C PRO D 258 -12.47 -9.86 0.76
N LYS D 259 -13.76 -9.77 0.47
CA LYS D 259 -14.78 -10.64 1.06
C LYS D 259 -14.49 -12.09 0.63
N GLU D 260 -14.47 -13.01 1.59
CA GLU D 260 -14.20 -14.41 1.26
C GLU D 260 -15.44 -15.07 0.66
N GLU D 261 -15.23 -16.17 -0.05
CA GLU D 261 -16.31 -16.97 -0.62
C GLU D 261 -16.59 -18.21 0.23
N ARG D 262 -17.65 -18.93 -0.17
CA ARG D 262 -18.00 -20.14 0.57
C ARG D 262 -16.75 -21.02 0.73
N PRO D 263 -16.62 -21.62 1.92
CA PRO D 263 -15.45 -22.44 2.24
C PRO D 263 -15.01 -23.34 1.09
N TRP D 264 -16.01 -23.95 0.42
CA TRP D 264 -15.68 -24.84 -0.68
C TRP D 264 -16.94 -25.31 -1.41
#